data_2VRA
#
_entry.id   2VRA
#
_cell.length_a   64.935
_cell.length_b   84.430
_cell.length_c   107.133
_cell.angle_alpha   90.00
_cell.angle_beta   98.55
_cell.angle_gamma   90.00
#
_symmetry.space_group_name_H-M   'P 1 21 1'
#
loop_
_entity.id
_entity.type
_entity.pdbx_description
1 polymer 'ROUNDABOUT 1'
2 branched '2-O-sulfo-alpha-L-idopyranuronic acid-(1-4)-2-deoxy-6-O-sulfo-2-(sulfoamino)-alpha-D-glucopyranose-(1-4)-2-O-sulfo-alpha-L-idopyranuronic acid-(1-4)-2-deoxy-6-O-sulfo-2-(sulfoamino)-alpha-D-glucopyranose'
3 non-polymer 'SULFATE ION'
#
_entity_poly.entity_id   1
_entity_poly.type   'polypeptide(L)'
_entity_poly.pdbx_seq_one_letter_code
;APLAGQYQSPRIIEHPTDLVVKKNEPATLNCKVEGKPEPTIEWFKDGEPVSTNEKKSHRVQFKDGALFFYRTMQGKKEQD
GGEYWCVAKNRVGQAVSRHASLQIAVLRDDFRVEPKDTRVAKGETALLECGPPKGIPEPTLIWIKDGVPLDDLKAMSFGA
SSRVRIVDGGNLLISNVEPIDEGNYKCIAQNLVGTRESSYAKLIVQVK
;
_entity_poly.pdbx_strand_id   A,B,C,D
#
loop_
_chem_comp.id
_chem_comp.type
_chem_comp.name
_chem_comp.formula
IDS L-saccharide, alpha linking '2-O-sulfo-alpha-L-idopyranuronic acid' 'C6 H10 O10 S'
SGN D-saccharide, alpha linking 2-deoxy-6-O-sulfo-2-(sulfoamino)-alpha-D-glucopyranose 'C6 H13 N O11 S2'
SO4 non-polymer 'SULFATE ION' 'O4 S -2'
#
# COMPACT_ATOMS: atom_id res chain seq x y z
N GLY A 5 -40.79 18.61 -21.89
CA GLY A 5 -40.82 20.02 -21.38
C GLY A 5 -39.82 20.14 -20.24
N GLN A 6 -40.33 19.91 -19.04
CA GLN A 6 -39.51 19.92 -17.85
C GLN A 6 -39.99 18.66 -17.17
N TYR A 7 -39.40 18.34 -16.02
CA TYR A 7 -39.79 17.16 -15.32
C TYR A 7 -39.62 15.91 -16.17
N GLN A 8 -39.07 14.89 -15.55
CA GLN A 8 -38.84 13.60 -16.15
C GLN A 8 -38.45 12.76 -14.94
N SER A 9 -39.31 11.82 -14.57
CA SER A 9 -39.03 10.97 -13.42
C SER A 9 -37.69 10.27 -13.57
N PRO A 10 -37.02 9.97 -12.45
CA PRO A 10 -35.72 9.30 -12.40
C PRO A 10 -35.67 7.98 -13.18
N ARG A 11 -34.71 7.89 -14.08
CA ARG A 11 -34.53 6.71 -14.91
C ARG A 11 -33.14 6.12 -14.65
N ILE A 12 -33.03 4.80 -14.55
CA ILE A 12 -31.73 4.21 -14.33
C ILE A 12 -31.19 3.63 -15.62
N ILE A 13 -30.19 4.29 -16.17
CA ILE A 13 -29.59 3.83 -17.42
C ILE A 13 -28.71 2.61 -17.23
N GLU A 14 -27.84 2.63 -16.24
CA GLU A 14 -26.97 1.49 -15.99
C GLU A 14 -27.00 1.13 -14.52
N HIS A 15 -27.43 -0.10 -14.24
CA HIS A 15 -27.51 -0.60 -12.88
C HIS A 15 -26.14 -1.09 -12.47
N PRO A 16 -25.95 -1.33 -11.18
CA PRO A 16 -24.67 -1.81 -10.72
C PRO A 16 -24.61 -3.29 -11.04
N THR A 17 -23.45 -3.76 -11.48
CA THR A 17 -23.30 -5.17 -11.82
C THR A 17 -22.46 -5.89 -10.74
N ASP A 18 -22.75 -7.16 -10.49
CA ASP A 18 -22.00 -7.91 -9.48
C ASP A 18 -20.51 -7.78 -9.67
N LEU A 19 -19.77 -7.79 -8.58
CA LEU A 19 -18.31 -7.64 -8.65
C LEU A 19 -17.53 -8.45 -7.61
N VAL A 20 -16.35 -8.93 -8.02
CA VAL A 20 -15.48 -9.71 -7.15
C VAL A 20 -14.06 -9.13 -7.12
N VAL A 21 -13.60 -8.76 -5.93
CA VAL A 21 -12.26 -8.21 -5.82
C VAL A 21 -11.58 -8.76 -4.58
N LYS A 22 -10.26 -8.62 -4.53
CA LYS A 22 -9.47 -9.10 -3.42
C LYS A 22 -9.35 -8.03 -2.34
N LYS A 23 -9.34 -8.46 -1.07
CA LYS A 23 -9.22 -7.56 0.07
C LYS A 23 -8.15 -6.51 -0.19
N ASN A 24 -8.53 -5.24 -0.07
CA ASN A 24 -7.60 -4.14 -0.26
C ASN A 24 -7.40 -3.67 -1.69
N GLU A 25 -8.24 -4.15 -2.60
CA GLU A 25 -8.18 -3.70 -3.99
C GLU A 25 -9.28 -2.65 -4.14
N PRO A 26 -9.22 -1.87 -5.23
CA PRO A 26 -10.27 -0.88 -5.37
C PRO A 26 -11.49 -1.56 -5.94
N ALA A 27 -12.65 -0.91 -5.83
CA ALA A 27 -13.87 -1.48 -6.34
C ALA A 27 -14.83 -0.37 -6.72
N THR A 28 -15.60 -0.58 -7.78
CA THR A 28 -16.57 0.41 -8.22
C THR A 28 -17.91 -0.24 -8.56
N LEU A 29 -19.00 0.44 -8.21
CA LEU A 29 -20.35 -0.02 -8.51
C LEU A 29 -21.03 1.14 -9.19
N ASN A 30 -21.43 0.95 -10.44
CA ASN A 30 -22.06 2.03 -11.19
C ASN A 30 -23.56 2.23 -10.95
N CYS A 31 -24.02 3.45 -11.24
CA CYS A 31 -25.42 3.82 -11.10
C CYS A 31 -25.66 5.06 -11.93
N LYS A 32 -25.64 4.91 -13.25
CA LYS A 32 -25.87 6.05 -14.12
C LYS A 32 -27.38 6.22 -14.20
N VAL A 33 -27.83 7.46 -14.07
CA VAL A 33 -29.24 7.78 -14.09
C VAL A 33 -29.50 9.14 -14.73
N GLU A 34 -30.76 9.46 -14.97
CA GLU A 34 -31.10 10.73 -15.56
C GLU A 34 -32.50 11.11 -15.12
N GLY A 35 -32.74 12.41 -14.96
CA GLY A 35 -34.04 12.89 -14.54
C GLY A 35 -34.09 14.41 -14.48
N LYS A 36 -35.20 15.00 -14.88
CA LYS A 36 -35.31 16.43 -14.83
C LYS A 36 -36.33 16.74 -13.74
N PRO A 37 -35.91 17.46 -12.68
CA PRO A 37 -34.58 17.99 -12.42
C PRO A 37 -33.59 16.85 -12.20
N GLU A 38 -32.30 17.15 -12.22
CA GLU A 38 -31.29 16.12 -12.02
C GLU A 38 -31.51 15.48 -10.66
N PRO A 39 -31.78 14.17 -10.63
CA PRO A 39 -32.01 13.50 -9.37
C PRO A 39 -30.74 13.37 -8.55
N THR A 40 -30.94 12.97 -7.30
CA THR A 40 -29.85 12.74 -6.37
C THR A 40 -29.87 11.23 -6.15
N ILE A 41 -28.70 10.65 -5.95
CA ILE A 41 -28.53 9.23 -5.75
C ILE A 41 -28.13 8.88 -4.33
N GLU A 42 -28.57 7.73 -3.85
CA GLU A 42 -28.22 7.28 -2.51
C GLU A 42 -27.94 5.81 -2.59
N TRP A 43 -26.96 5.34 -1.83
CA TRP A 43 -26.60 3.93 -1.86
C TRP A 43 -27.02 3.14 -0.61
N PHE A 44 -27.40 1.89 -0.83
CA PHE A 44 -27.79 1.03 0.27
C PHE A 44 -27.04 -0.28 0.17
N LYS A 45 -26.69 -0.86 1.31
CA LYS A 45 -26.01 -2.14 1.40
C LYS A 45 -26.78 -3.01 2.38
N ASP A 46 -27.38 -4.09 1.88
CA ASP A 46 -28.16 -5.01 2.71
C ASP A 46 -29.20 -4.24 3.53
N GLY A 47 -30.06 -3.50 2.83
CA GLY A 47 -31.09 -2.75 3.49
C GLY A 47 -30.72 -1.45 4.20
N GLU A 48 -29.47 -1.29 4.60
CA GLU A 48 -29.13 -0.04 5.25
C GLU A 48 -28.53 0.90 4.23
N PRO A 49 -28.52 2.20 4.50
CA PRO A 49 -27.98 3.23 3.63
C PRO A 49 -26.46 3.37 3.83
N VAL A 50 -25.74 3.63 2.75
CA VAL A 50 -24.29 3.76 2.84
C VAL A 50 -23.88 5.21 2.96
N SER A 51 -23.06 5.52 3.96
CA SER A 51 -22.59 6.88 4.12
C SER A 51 -21.36 7.01 3.23
N THR A 52 -21.38 7.99 2.32
CA THR A 52 -20.29 8.24 1.38
C THR A 52 -19.87 9.68 1.40
N ASN A 53 -18.59 9.95 1.13
CA ASN A 53 -18.00 11.29 1.11
C ASN A 53 -17.96 11.98 2.43
N GLU A 54 -17.66 11.24 3.49
CA GLU A 54 -17.55 11.80 4.84
C GLU A 54 -16.19 11.45 5.42
N LYS A 55 -15.71 12.27 6.35
CA LYS A 55 -14.41 12.02 6.98
C LYS A 55 -14.32 10.63 7.60
N LYS A 56 -15.48 10.06 7.93
CA LYS A 56 -15.59 8.76 8.59
C LYS A 56 -15.55 7.49 7.73
N SER A 57 -16.19 7.51 6.57
CA SER A 57 -16.21 6.32 5.72
C SER A 57 -15.07 6.32 4.72
N HIS A 58 -14.80 5.15 4.15
CA HIS A 58 -13.76 4.96 3.18
C HIS A 58 -14.43 4.78 1.83
N ARG A 59 -15.67 5.22 1.74
CA ARG A 59 -16.44 5.11 0.50
C ARG A 59 -16.64 6.49 -0.11
N VAL A 60 -16.60 6.56 -1.43
CA VAL A 60 -16.74 7.81 -2.15
C VAL A 60 -17.83 7.71 -3.18
N GLN A 61 -18.57 8.78 -3.40
CA GLN A 61 -19.64 8.73 -4.36
C GLN A 61 -19.38 9.72 -5.49
N PHE A 62 -19.08 9.19 -6.66
CA PHE A 62 -18.79 10.03 -7.83
C PHE A 62 -19.99 10.82 -8.28
N LYS A 63 -19.73 11.91 -8.99
CA LYS A 63 -20.80 12.76 -9.49
C LYS A 63 -21.65 12.03 -10.50
N ASP A 64 -21.16 10.90 -11.03
CA ASP A 64 -21.93 10.11 -11.99
C ASP A 64 -22.79 9.06 -11.26
N GLY A 65 -22.77 9.11 -9.93
CA GLY A 65 -23.57 8.19 -9.14
C GLY A 65 -22.87 6.92 -8.69
N ALA A 66 -21.68 6.66 -9.23
CA ALA A 66 -20.95 5.46 -8.87
C ALA A 66 -20.47 5.47 -7.43
N LEU A 67 -20.49 4.31 -6.80
CA LEU A 67 -20.02 4.16 -5.43
C LEU A 67 -18.59 3.67 -5.60
N PHE A 68 -17.63 4.32 -4.95
CA PHE A 68 -16.22 3.94 -5.11
C PHE A 68 -15.42 3.61 -3.86
N PHE A 69 -14.75 2.47 -3.86
CA PHE A 69 -13.94 2.07 -2.72
C PHE A 69 -12.51 2.13 -3.18
N TYR A 70 -11.69 3.00 -2.58
CA TYR A 70 -10.30 3.05 -3.01
C TYR A 70 -9.54 1.91 -2.42
N ARG A 71 -9.91 1.52 -1.22
CA ARG A 71 -9.22 0.39 -0.60
C ARG A 71 -10.28 -0.47 0.07
N THR A 72 -10.75 -1.46 -0.67
CA THR A 72 -11.79 -2.33 -0.17
C THR A 72 -11.37 -2.97 1.16
N MET A 73 -12.33 -3.14 2.07
CA MET A 73 -12.05 -3.74 3.38
C MET A 73 -12.92 -4.94 3.69
N GLN A 74 -12.38 -5.87 4.46
CA GLN A 74 -13.12 -7.08 4.82
C GLN A 74 -12.53 -7.72 6.07
N GLY A 75 -12.51 -6.97 7.15
CA GLY A 75 -11.96 -7.50 8.39
C GLY A 75 -12.91 -7.44 9.57
N LYS A 76 -12.35 -7.18 10.74
CA LYS A 76 -13.11 -7.10 11.97
C LYS A 76 -13.76 -5.73 12.08
N LYS A 77 -13.00 -4.71 11.70
CA LYS A 77 -13.51 -3.34 11.76
C LYS A 77 -14.59 -3.12 10.71
N GLU A 78 -14.19 -3.14 9.44
CA GLU A 78 -15.12 -2.89 8.32
C GLU A 78 -15.34 -4.11 7.45
N GLN A 79 -16.58 -4.30 6.99
CA GLN A 79 -16.94 -5.43 6.12
C GLN A 79 -17.67 -4.88 4.88
N ASP A 80 -16.95 -4.74 3.77
CA ASP A 80 -17.50 -4.21 2.52
C ASP A 80 -18.33 -5.19 1.70
N GLY A 81 -18.10 -6.48 1.85
CA GLY A 81 -18.85 -7.45 1.09
C GLY A 81 -20.33 -7.41 1.42
N GLY A 82 -21.19 -7.39 0.41
CA GLY A 82 -22.62 -7.37 0.66
C GLY A 82 -23.44 -7.15 -0.60
N GLU A 83 -24.73 -6.85 -0.40
CA GLU A 83 -25.68 -6.60 -1.49
C GLU A 83 -25.84 -5.09 -1.60
N TYR A 84 -25.67 -4.54 -2.81
CA TYR A 84 -25.76 -3.09 -3.00
C TYR A 84 -26.73 -2.64 -4.08
N TRP A 85 -27.22 -1.42 -3.94
CA TRP A 85 -28.13 -0.83 -4.93
C TRP A 85 -28.30 0.67 -4.66
N CYS A 86 -28.69 1.42 -5.69
CA CYS A 86 -28.88 2.85 -5.54
C CYS A 86 -30.35 3.24 -5.74
N VAL A 87 -30.67 4.48 -5.40
CA VAL A 87 -32.03 4.98 -5.53
C VAL A 87 -31.99 6.44 -5.97
N ALA A 88 -32.47 6.70 -7.17
CA ALA A 88 -32.48 8.04 -7.72
C ALA A 88 -33.80 8.73 -7.42
N LYS A 89 -33.73 9.92 -6.83
CA LYS A 89 -34.92 10.65 -6.50
C LYS A 89 -34.87 12.11 -6.93
N ASN A 90 -35.97 12.59 -7.48
CA ASN A 90 -36.09 13.99 -7.87
C ASN A 90 -37.53 14.29 -7.51
N ARG A 91 -38.01 15.51 -7.75
CA ARG A 91 -39.38 15.80 -7.36
C ARG A 91 -40.51 15.18 -8.16
N VAL A 92 -40.20 14.46 -9.22
CA VAL A 92 -41.25 13.82 -10.03
C VAL A 92 -41.20 12.31 -9.93
N GLY A 93 -40.74 11.85 -8.78
CA GLY A 93 -40.69 10.43 -8.49
C GLY A 93 -39.32 9.88 -8.15
N GLN A 94 -39.24 8.56 -8.07
CA GLN A 94 -37.97 7.91 -7.77
C GLN A 94 -37.81 6.63 -8.57
N ALA A 95 -36.60 6.06 -8.49
CA ALA A 95 -36.26 4.83 -9.19
C ALA A 95 -35.25 4.02 -8.39
N VAL A 96 -35.42 2.70 -8.38
CA VAL A 96 -34.51 1.82 -7.66
C VAL A 96 -33.78 0.93 -8.64
N SER A 97 -32.49 0.70 -8.39
CA SER A 97 -31.68 -0.12 -9.25
C SER A 97 -31.73 -1.58 -8.88
N ARG A 98 -31.52 -2.46 -9.85
CA ARG A 98 -31.51 -3.87 -9.56
C ARG A 98 -30.38 -4.04 -8.53
N HIS A 99 -30.41 -5.08 -7.72
CA HIS A 99 -29.36 -5.30 -6.73
C HIS A 99 -28.08 -5.88 -7.35
N ALA A 100 -26.95 -5.58 -6.74
CA ALA A 100 -25.66 -6.08 -7.19
C ALA A 100 -24.96 -6.60 -5.96
N SER A 101 -24.10 -7.59 -6.14
CA SER A 101 -23.41 -8.14 -4.99
C SER A 101 -21.92 -7.97 -5.12
N LEU A 102 -21.33 -7.41 -4.08
CA LEU A 102 -19.90 -7.18 -4.00
C LEU A 102 -19.30 -8.16 -3.04
N GLN A 103 -18.27 -8.87 -3.47
CA GLN A 103 -17.61 -9.87 -2.63
C GLN A 103 -16.12 -9.69 -2.60
N ILE A 104 -15.57 -9.78 -1.39
CA ILE A 104 -14.15 -9.57 -1.24
C ILE A 104 -13.41 -10.86 -0.93
N ALA A 105 -12.55 -11.26 -1.86
CA ALA A 105 -11.77 -12.46 -1.68
C ALA A 105 -10.68 -12.19 -0.65
N VAL A 106 -10.30 -13.21 0.12
CA VAL A 106 -9.25 -13.08 1.12
C VAL A 106 -8.52 -14.41 1.35
N LEU A 107 -7.26 -14.32 1.76
CA LEU A 107 -6.46 -15.50 2.02
C LEU A 107 -5.34 -15.20 3.03
N ARG A 108 -5.63 -15.41 4.32
CA ARG A 108 -4.64 -15.14 5.33
C ARG A 108 -3.38 -15.96 5.07
N ASP A 109 -2.24 -15.46 5.51
CA ASP A 109 -0.98 -16.17 5.32
C ASP A 109 -0.45 -16.63 6.66
N ASP A 110 -1.18 -17.56 7.27
CA ASP A 110 -0.78 -18.07 8.57
C ASP A 110 -1.48 -19.38 8.82
N PHE A 111 -0.85 -20.48 8.38
CA PHE A 111 -1.45 -21.79 8.57
C PHE A 111 -1.84 -22.01 10.02
N ARG A 112 -2.87 -22.84 10.23
CA ARG A 112 -3.35 -23.16 11.56
C ARG A 112 -2.41 -24.20 12.19
N VAL A 113 -1.73 -24.95 11.32
CA VAL A 113 -0.78 -25.99 11.70
C VAL A 113 0.08 -26.27 10.47
N GLU A 114 1.35 -26.52 10.67
CA GLU A 114 2.26 -26.79 9.56
C GLU A 114 3.00 -28.10 9.85
N PRO A 115 3.17 -28.95 8.84
CA PRO A 115 3.86 -30.23 9.03
C PRO A 115 5.32 -30.06 9.48
N LYS A 116 5.74 -30.92 10.41
CA LYS A 116 7.09 -30.89 10.97
C LYS A 116 7.79 -32.24 10.80
N ASP A 117 9.04 -32.21 10.34
CA ASP A 117 9.83 -33.42 10.11
C ASP A 117 9.39 -34.57 11.01
N THR A 118 9.18 -35.73 10.39
CA THR A 118 8.75 -36.90 11.16
C THR A 118 9.43 -38.17 10.66
N ARG A 119 9.96 -38.94 11.62
CA ARG A 119 10.63 -40.20 11.37
C ARG A 119 9.61 -41.25 11.79
N VAL A 120 9.36 -42.24 10.93
CA VAL A 120 8.35 -43.25 11.23
C VAL A 120 8.84 -44.70 11.08
N ALA A 121 8.19 -45.58 11.83
CA ALA A 121 8.47 -47.03 11.86
C ALA A 121 7.74 -47.74 10.71
N LYS A 122 8.52 -48.38 9.82
CA LYS A 122 7.97 -49.10 8.67
C LYS A 122 6.64 -49.81 8.96
N GLY A 123 5.83 -50.00 7.91
CA GLY A 123 4.55 -50.67 8.03
C GLY A 123 3.58 -50.00 8.98
N GLU A 124 4.10 -49.04 9.75
CA GLU A 124 3.31 -48.31 10.73
C GLU A 124 2.79 -46.95 10.23
N THR A 125 1.67 -46.52 10.80
CA THR A 125 0.98 -45.27 10.46
C THR A 125 1.76 -43.97 10.73
N ALA A 126 1.63 -43.01 9.80
CA ALA A 126 2.30 -41.71 9.90
C ALA A 126 1.29 -40.59 9.60
N LEU A 127 1.34 -39.51 10.38
CA LEU A 127 0.42 -38.40 10.17
C LEU A 127 1.13 -37.06 10.01
N LEU A 128 1.11 -36.52 8.80
CA LEU A 128 1.71 -35.22 8.52
C LEU A 128 0.65 -34.20 8.87
N GLU A 129 1.07 -33.06 9.38
CA GLU A 129 0.10 -32.06 9.80
C GLU A 129 -0.03 -30.80 8.98
N CYS A 130 -1.27 -30.50 8.59
CA CYS A 130 -1.50 -29.31 7.82
C CYS A 130 -2.84 -28.66 8.09
N GLY A 131 -2.80 -27.42 8.60
CA GLY A 131 -4.00 -26.67 8.90
C GLY A 131 -3.95 -25.46 7.98
N PRO A 132 -4.61 -25.53 6.84
CA PRO A 132 -4.60 -24.41 5.90
C PRO A 132 -5.10 -23.13 6.55
N PRO A 133 -4.58 -21.97 6.13
CA PRO A 133 -5.04 -20.72 6.72
C PRO A 133 -6.45 -20.42 6.21
N LYS A 134 -7.27 -19.78 7.04
CA LYS A 134 -8.64 -19.46 6.65
C LYS A 134 -8.63 -18.57 5.41
N GLY A 135 -9.72 -18.60 4.66
CA GLY A 135 -9.78 -17.79 3.46
C GLY A 135 -11.14 -17.90 2.83
N ILE A 136 -11.46 -16.99 1.92
CA ILE A 136 -12.75 -17.01 1.26
C ILE A 136 -12.66 -16.36 -0.12
N PRO A 137 -13.09 -17.08 -1.18
CA PRO A 137 -13.64 -18.44 -1.21
C PRO A 137 -12.83 -19.44 -0.42
N GLU A 138 -13.48 -20.50 0.05
CA GLU A 138 -12.79 -21.54 0.79
C GLU A 138 -11.59 -22.01 -0.01
N PRO A 139 -10.38 -21.93 0.56
CA PRO A 139 -9.18 -22.36 -0.17
C PRO A 139 -9.19 -23.89 -0.32
N THR A 140 -8.28 -24.42 -1.13
CA THR A 140 -8.20 -25.86 -1.34
C THR A 140 -6.80 -26.35 -1.04
N LEU A 141 -6.71 -27.49 -0.37
CA LEU A 141 -5.43 -28.04 0.00
C LEU A 141 -4.96 -29.20 -0.87
N ILE A 142 -3.67 -29.23 -1.15
CA ILE A 142 -3.06 -30.28 -1.95
C ILE A 142 -1.71 -30.55 -1.34
N TRP A 143 -1.25 -31.78 -1.40
CA TRP A 143 0.06 -32.11 -0.85
C TRP A 143 1.09 -32.32 -1.93
N ILE A 144 2.32 -31.95 -1.63
CA ILE A 144 3.40 -32.12 -2.58
C ILE A 144 4.53 -32.94 -1.98
N LYS A 145 5.08 -33.81 -2.80
CA LYS A 145 6.17 -34.66 -2.38
C LYS A 145 7.32 -34.41 -3.36
N ASP A 146 8.46 -34.13 -2.77
CA ASP A 146 9.65 -33.89 -3.52
C ASP A 146 9.43 -33.29 -4.91
N GLY A 147 8.90 -32.08 -4.94
CA GLY A 147 8.68 -31.39 -6.19
C GLY A 147 7.37 -31.62 -6.88
N VAL A 148 6.90 -32.86 -6.93
CA VAL A 148 5.64 -33.10 -7.62
C VAL A 148 4.48 -33.28 -6.67
N PRO A 149 3.27 -32.90 -7.14
CA PRO A 149 1.99 -32.97 -6.44
C PRO A 149 1.57 -34.40 -6.15
N LEU A 150 1.10 -34.62 -4.94
CA LEU A 150 0.69 -35.93 -4.51
C LEU A 150 -0.21 -36.62 -5.51
N ASP A 151 -1.35 -36.01 -5.81
CA ASP A 151 -2.27 -36.61 -6.75
C ASP A 151 -1.60 -37.14 -8.01
N ASP A 152 -0.57 -36.45 -8.50
CA ASP A 152 0.12 -36.90 -9.71
C ASP A 152 0.88 -38.21 -9.54
N LEU A 153 1.02 -38.70 -8.32
CA LEU A 153 1.69 -39.98 -8.13
C LEU A 153 0.57 -40.96 -8.00
N LYS A 154 -0.39 -40.66 -7.13
CA LYS A 154 -1.52 -41.54 -6.96
C LYS A 154 -1.95 -41.94 -8.37
N ALA A 155 -1.79 -41.00 -9.31
CA ALA A 155 -2.16 -41.24 -10.70
C ALA A 155 -1.52 -42.50 -11.26
N MET A 156 -0.24 -42.67 -10.97
CA MET A 156 0.55 -43.79 -11.46
C MET A 156 0.60 -44.96 -10.50
N SER A 157 0.13 -44.76 -9.28
CA SER A 157 0.17 -45.84 -8.32
C SER A 157 -0.93 -46.85 -8.50
N PHE A 158 -0.56 -48.10 -8.27
CA PHE A 158 -1.49 -49.21 -8.30
C PHE A 158 -1.61 -49.49 -6.82
N GLY A 159 -2.47 -50.40 -6.41
CA GLY A 159 -2.57 -50.62 -4.98
C GLY A 159 -3.41 -49.58 -4.22
N ALA A 160 -3.75 -49.96 -2.98
CA ALA A 160 -4.57 -49.20 -2.07
C ALA A 160 -4.52 -47.65 -2.04
N SER A 161 -5.57 -47.03 -2.55
CA SER A 161 -5.64 -45.58 -2.55
C SER A 161 -6.03 -45.13 -1.16
N SER A 162 -6.82 -45.95 -0.48
CA SER A 162 -7.26 -45.65 0.87
C SER A 162 -6.08 -45.43 1.80
N ARG A 163 -4.88 -45.75 1.32
CA ARG A 163 -3.69 -45.61 2.14
C ARG A 163 -3.40 -44.14 2.33
N VAL A 164 -2.44 -43.63 1.55
CA VAL A 164 -2.06 -42.23 1.60
C VAL A 164 -3.28 -41.38 1.26
N ARG A 165 -3.88 -40.80 2.29
CA ARG A 165 -5.08 -39.98 2.14
C ARG A 165 -5.14 -38.75 3.06
N ILE A 166 -5.72 -37.68 2.53
CA ILE A 166 -5.88 -36.44 3.27
C ILE A 166 -7.08 -36.54 4.19
N VAL A 167 -7.05 -35.81 5.30
CA VAL A 167 -8.18 -35.85 6.21
C VAL A 167 -8.16 -34.71 7.21
N ASP A 168 -9.34 -34.45 7.79
CA ASP A 168 -9.51 -33.39 8.78
C ASP A 168 -9.11 -32.10 8.11
N GLY A 169 -9.58 -31.96 6.87
CA GLY A 169 -9.31 -30.78 6.07
C GLY A 169 -7.87 -30.31 6.10
N GLY A 170 -6.94 -31.21 5.83
CA GLY A 170 -5.54 -30.81 5.82
C GLY A 170 -4.54 -31.92 6.06
N ASN A 171 -4.66 -32.57 7.21
CA ASN A 171 -3.73 -33.64 7.60
C ASN A 171 -3.62 -34.81 6.64
N LEU A 172 -2.38 -35.18 6.34
CA LEU A 172 -2.12 -36.29 5.44
C LEU A 172 -1.92 -37.54 6.30
N LEU A 173 -2.67 -38.58 5.98
CA LEU A 173 -2.58 -39.84 6.71
C LEU A 173 -1.86 -40.88 5.87
N ILE A 174 -0.89 -41.56 6.47
CA ILE A 174 -0.15 -42.58 5.74
C ILE A 174 -0.01 -43.87 6.53
N SER A 175 -0.98 -44.77 6.35
CA SER A 175 -0.98 -46.07 7.01
C SER A 175 -0.15 -47.07 6.21
N ASN A 176 0.62 -47.92 6.91
CA ASN A 176 1.47 -48.90 6.26
C ASN A 176 2.51 -48.19 5.41
N VAL A 177 3.50 -47.61 6.08
CA VAL A 177 4.57 -46.88 5.39
C VAL A 177 5.52 -47.81 4.66
N GLU A 178 6.09 -47.31 3.58
CA GLU A 178 7.03 -48.07 2.75
C GLU A 178 8.18 -47.16 2.37
N PRO A 179 9.38 -47.74 2.17
CA PRO A 179 10.60 -47.01 1.79
C PRO A 179 10.38 -46.06 0.62
N ILE A 180 9.16 -46.10 0.10
CA ILE A 180 8.77 -45.26 -1.01
C ILE A 180 8.01 -44.04 -0.44
N ASP A 181 7.33 -44.24 0.70
CA ASP A 181 6.57 -43.19 1.39
C ASP A 181 7.49 -42.20 2.08
N GLU A 182 8.78 -42.35 1.84
CA GLU A 182 9.74 -41.48 2.45
C GLU A 182 10.05 -40.33 1.50
N GLY A 183 10.36 -39.16 2.08
CA GLY A 183 10.66 -37.99 1.28
C GLY A 183 10.22 -36.69 1.92
N ASN A 184 10.18 -35.64 1.12
CA ASN A 184 9.78 -34.31 1.57
C ASN A 184 8.33 -33.97 1.25
N TYR A 185 7.58 -33.57 2.28
CA TYR A 185 6.18 -33.23 2.14
C TYR A 185 5.89 -31.76 2.45
N LYS A 186 5.00 -31.19 1.65
CA LYS A 186 4.59 -29.79 1.76
C LYS A 186 3.12 -29.64 1.34
N CYS A 187 2.34 -28.83 2.05
CA CYS A 187 0.96 -28.63 1.66
C CYS A 187 0.75 -27.22 1.12
N ILE A 188 -0.25 -27.04 0.27
CA ILE A 188 -0.51 -25.75 -0.34
C ILE A 188 -1.98 -25.39 -0.34
N ALA A 189 -2.32 -24.25 0.22
CA ALA A 189 -3.70 -23.79 0.24
C ALA A 189 -3.85 -22.83 -0.92
N GLN A 190 -5.01 -22.81 -1.56
CA GLN A 190 -5.18 -21.93 -2.70
C GLN A 190 -6.60 -21.51 -2.98
N ASN A 191 -6.76 -20.25 -3.36
CA ASN A 191 -8.05 -19.69 -3.73
C ASN A 191 -7.81 -18.53 -4.68
N LEU A 192 -8.86 -17.75 -4.96
CA LEU A 192 -8.75 -16.63 -5.89
C LEU A 192 -7.64 -15.64 -5.60
N VAL A 193 -7.39 -15.39 -4.33
CA VAL A 193 -6.35 -14.44 -3.93
C VAL A 193 -4.94 -14.84 -4.36
N GLY A 194 -4.51 -16.01 -3.90
CA GLY A 194 -3.20 -16.51 -4.22
C GLY A 194 -3.01 -17.88 -3.60
N THR A 195 -1.76 -18.25 -3.38
CA THR A 195 -1.49 -19.55 -2.79
C THR A 195 -0.61 -19.42 -1.55
N ARG A 196 -0.72 -20.41 -0.67
CA ARG A 196 0.05 -20.44 0.56
C ARG A 196 0.73 -21.79 0.70
N GLU A 197 2.05 -21.76 0.84
CA GLU A 197 2.83 -22.98 0.97
C GLU A 197 3.42 -23.18 2.36
N SER A 198 3.13 -24.32 2.98
CA SER A 198 3.69 -24.62 4.28
C SER A 198 5.16 -24.88 4.01
N SER A 199 5.95 -25.04 5.05
CA SER A 199 7.35 -25.34 4.85
C SER A 199 7.40 -26.84 4.56
N TYR A 200 8.52 -27.32 4.03
CA TYR A 200 8.65 -28.74 3.73
C TYR A 200 8.96 -29.53 5.00
N ALA A 201 8.80 -30.85 4.91
CA ALA A 201 9.05 -31.72 6.06
C ALA A 201 9.53 -33.07 5.54
N LYS A 202 10.62 -33.57 6.13
CA LYS A 202 11.19 -34.85 5.72
C LYS A 202 10.63 -36.03 6.52
N LEU A 203 9.95 -36.94 5.81
CA LEU A 203 9.41 -38.14 6.45
C LEU A 203 10.40 -39.23 6.13
N ILE A 204 11.09 -39.73 7.15
CA ILE A 204 12.08 -40.79 6.95
C ILE A 204 11.51 -42.13 7.39
N VAL A 205 11.72 -43.15 6.56
CA VAL A 205 11.20 -44.49 6.79
C VAL A 205 12.18 -45.39 7.53
N GLN A 206 11.64 -46.40 8.19
CA GLN A 206 12.42 -47.39 8.93
C GLN A 206 12.90 -46.82 10.27
N VAL A 207 12.02 -46.56 11.12
N GLN B 6 47.42 -14.59 5.46
CA GLN B 6 47.39 -13.43 6.41
C GLN B 6 45.96 -13.14 6.89
N TYR B 7 45.51 -13.88 7.90
CA TYR B 7 44.17 -13.75 8.47
C TYR B 7 44.12 -12.72 9.63
N GLN B 8 42.91 -12.42 10.10
CA GLN B 8 42.67 -11.48 11.22
C GLN B 8 41.20 -11.49 11.70
N SER B 9 40.97 -10.91 12.88
CA SER B 9 39.62 -10.86 13.46
C SER B 9 38.69 -9.81 12.84
N PRO B 10 37.37 -9.89 13.17
CA PRO B 10 36.28 -9.01 12.72
C PRO B 10 36.19 -7.65 13.44
N ARG B 11 36.25 -6.55 12.68
CA ARG B 11 36.19 -5.20 13.25
C ARG B 11 35.00 -4.41 12.72
N ILE B 12 34.04 -4.12 13.60
CA ILE B 12 32.83 -3.39 13.22
C ILE B 12 33.06 -1.95 12.86
N ILE B 13 32.94 -1.64 11.59
CA ILE B 13 33.17 -0.27 11.12
C ILE B 13 32.03 0.69 11.46
N GLU B 14 30.80 0.26 11.21
CA GLU B 14 29.64 1.09 11.53
C GLU B 14 28.61 0.28 12.30
N HIS B 15 28.33 0.73 13.52
CA HIS B 15 27.34 0.04 14.35
C HIS B 15 25.95 0.51 13.93
N PRO B 16 24.93 -0.20 14.40
CA PRO B 16 23.57 0.19 14.07
C PRO B 16 23.23 1.37 14.96
N THR B 17 22.54 2.36 14.40
CA THR B 17 22.18 3.56 15.16
C THR B 17 20.68 3.51 15.48
N ASP B 18 20.27 4.04 16.63
CA ASP B 18 18.85 4.05 17.00
C ASP B 18 17.98 4.59 15.88
N LEU B 19 16.76 4.06 15.76
CA LEU B 19 15.85 4.50 14.70
C LEU B 19 14.38 4.56 15.11
N VAL B 20 13.66 5.51 14.53
CA VAL B 20 12.24 5.70 14.80
C VAL B 20 11.44 5.80 13.50
N VAL B 21 10.49 4.88 13.34
CA VAL B 21 9.68 4.89 12.14
C VAL B 21 8.23 4.58 12.49
N LYS B 22 7.34 4.90 11.57
CA LYS B 22 5.91 4.68 11.75
C LYS B 22 5.54 3.28 11.29
N LYS B 23 4.64 2.65 12.04
CA LYS B 23 4.16 1.32 11.70
C LYS B 23 3.99 1.25 10.20
N ASN B 24 4.43 0.15 9.59
CA ASN B 24 4.32 -0.09 8.16
C ASN B 24 5.25 0.68 7.24
N GLU B 25 6.23 1.37 7.82
CA GLU B 25 7.22 2.07 7.00
C GLU B 25 8.44 1.16 6.92
N PRO B 26 9.35 1.42 5.98
CA PRO B 26 10.52 0.53 5.91
C PRO B 26 11.49 0.98 7.00
N ALA B 27 12.43 0.10 7.35
CA ALA B 27 13.41 0.43 8.37
C ALA B 27 14.71 -0.30 8.10
N THR B 28 15.84 0.36 8.36
CA THR B 28 17.13 -0.27 8.14
C THR B 28 18.07 -0.07 9.32
N LEU B 29 18.82 -1.12 9.65
CA LEU B 29 19.80 -1.07 10.74
C LEU B 29 21.11 -1.54 10.14
N ASN B 30 22.11 -0.65 10.12
CA ASN B 30 23.42 -1.02 9.57
C ASN B 30 24.36 -1.82 10.49
N CYS B 31 25.29 -2.52 9.84
CA CYS B 31 26.30 -3.34 10.52
C CYS B 31 27.40 -3.65 9.51
N LYS B 32 28.12 -2.61 9.10
CA LYS B 32 29.18 -2.75 8.12
C LYS B 32 30.50 -3.13 8.79
N VAL B 33 30.76 -4.43 8.88
CA VAL B 33 31.98 -4.93 9.50
C VAL B 33 33.08 -5.25 8.48
N GLU B 34 34.08 -5.99 8.93
CA GLU B 34 35.22 -6.40 8.11
C GLU B 34 35.97 -7.50 8.85
N GLY B 35 35.95 -8.71 8.30
CA GLY B 35 36.63 -9.82 8.92
C GLY B 35 37.62 -10.48 7.98
N LYS B 36 38.43 -11.37 8.52
CA LYS B 36 39.45 -12.06 7.74
C LYS B 36 39.43 -13.55 8.11
N PRO B 37 38.79 -14.38 7.27
CA PRO B 37 38.08 -14.04 6.03
C PRO B 37 36.73 -13.38 6.33
N GLU B 38 36.10 -12.80 5.30
CA GLU B 38 34.80 -12.14 5.48
C GLU B 38 33.91 -13.02 6.35
N PRO B 39 33.62 -12.59 7.59
CA PRO B 39 32.80 -13.28 8.59
C PRO B 39 31.28 -13.24 8.39
N THR B 40 30.60 -14.13 9.11
CA THR B 40 29.15 -14.23 9.05
C THR B 40 28.48 -13.31 10.09
N ILE B 41 27.64 -12.39 9.61
CA ILE B 41 26.91 -11.50 10.50
C ILE B 41 25.59 -12.15 10.94
N GLU B 42 25.23 -11.93 12.19
CA GLU B 42 23.99 -12.47 12.73
C GLU B 42 23.32 -11.37 13.55
N TRP B 43 22.00 -11.27 13.47
CA TRP B 43 21.28 -10.24 14.21
C TRP B 43 20.51 -10.75 15.43
N PHE B 44 20.49 -9.95 16.48
CA PHE B 44 19.76 -10.30 17.69
C PHE B 44 18.87 -9.15 18.10
N LYS B 45 17.75 -9.49 18.73
CA LYS B 45 16.77 -8.49 19.17
C LYS B 45 16.30 -8.88 20.56
N ASP B 46 16.73 -8.08 21.53
CA ASP B 46 16.41 -8.33 22.92
C ASP B 46 16.87 -9.73 23.32
N GLY B 47 18.16 -9.98 23.13
CA GLY B 47 18.73 -11.28 23.49
C GLY B 47 18.44 -12.43 22.56
N GLU B 48 17.43 -12.30 21.72
CA GLU B 48 17.11 -13.37 20.80
C GLU B 48 17.67 -13.15 19.42
N PRO B 49 17.98 -14.24 18.71
CA PRO B 49 18.54 -14.12 17.36
C PRO B 49 17.40 -13.88 16.36
N VAL B 50 17.66 -13.01 15.38
CA VAL B 50 16.64 -12.69 14.39
C VAL B 50 16.77 -13.57 13.16
N SER B 51 15.67 -14.21 12.76
CA SER B 51 15.72 -15.04 11.58
C SER B 51 15.50 -14.09 10.42
N THR B 52 16.46 -14.10 9.50
CA THR B 52 16.36 -13.24 8.35
C THR B 52 16.44 -14.12 7.10
N ASN B 53 15.93 -13.59 5.99
CA ASN B 53 15.91 -14.30 4.71
C ASN B 53 15.31 -15.72 4.73
N GLU B 54 14.00 -15.78 4.95
CA GLU B 54 13.27 -17.05 5.00
C GLU B 54 11.83 -16.76 4.56
N LYS B 55 11.01 -17.79 4.42
CA LYS B 55 9.64 -17.57 3.98
C LYS B 55 8.74 -16.99 5.06
N LYS B 56 8.82 -17.52 6.28
CA LYS B 56 7.97 -17.05 7.37
C LYS B 56 8.41 -15.74 8.02
N SER B 57 9.46 -15.12 7.50
CA SER B 57 9.99 -13.87 8.07
C SER B 57 9.77 -12.67 7.14
N HIS B 58 9.71 -11.46 7.71
CA HIS B 58 9.52 -10.27 6.90
C HIS B 58 10.77 -9.42 7.03
N ARG B 59 11.84 -10.05 7.50
CA ARG B 59 13.12 -9.36 7.66
C ARG B 59 14.11 -9.86 6.61
N VAL B 60 14.93 -8.95 6.11
CA VAL B 60 15.93 -9.29 5.11
C VAL B 60 17.32 -8.86 5.57
N GLN B 61 18.33 -9.64 5.20
CA GLN B 61 19.68 -9.29 5.59
C GLN B 61 20.54 -9.02 4.36
N PHE B 62 20.91 -7.76 4.16
CA PHE B 62 21.72 -7.38 3.00
C PHE B 62 23.14 -7.94 3.06
N LYS B 63 23.76 -8.00 1.89
CA LYS B 63 25.12 -8.49 1.76
C LYS B 63 26.02 -7.69 2.71
N ASP B 64 25.75 -6.39 2.79
CA ASP B 64 26.56 -5.52 3.61
C ASP B 64 26.32 -5.68 5.13
N GLY B 65 25.50 -6.66 5.51
CA GLY B 65 25.26 -6.89 6.92
C GLY B 65 24.06 -6.17 7.51
N ALA B 66 23.50 -5.23 6.76
CA ALA B 66 22.33 -4.48 7.23
C ALA B 66 21.08 -5.35 7.37
N LEU B 67 20.31 -5.09 8.42
CA LEU B 67 19.06 -5.78 8.68
C LEU B 67 18.01 -4.88 8.04
N PHE B 68 17.15 -5.43 7.17
CA PHE B 68 16.14 -4.61 6.49
C PHE B 68 14.67 -5.02 6.60
N PHE B 69 13.83 -4.07 6.99
CA PHE B 69 12.40 -4.33 7.12
C PHE B 69 11.71 -3.57 5.99
N TYR B 70 11.09 -4.27 5.05
CA TYR B 70 10.42 -3.55 3.97
C TYR B 70 9.10 -2.99 4.48
N ARG B 71 8.48 -3.71 5.39
CA ARG B 71 7.22 -3.25 5.95
C ARG B 71 7.23 -3.50 7.45
N THR B 72 7.68 -2.51 8.19
CA THR B 72 7.78 -2.65 9.63
C THR B 72 6.43 -3.03 10.22
N MET B 73 6.45 -3.88 11.25
CA MET B 73 5.23 -4.33 11.91
C MET B 73 5.21 -4.04 13.39
N GLN B 74 4.03 -3.83 13.96
CA GLN B 74 3.91 -3.56 15.38
C GLN B 74 2.49 -3.83 15.84
N GLY B 75 2.04 -5.07 15.68
CA GLY B 75 0.70 -5.43 16.08
C GLY B 75 0.65 -6.55 17.10
N LYS B 76 -0.44 -7.33 17.07
CA LYS B 76 -0.62 -8.44 17.99
C LYS B 76 0.21 -9.63 17.53
N LYS B 77 0.30 -9.84 16.21
CA LYS B 77 1.08 -10.95 15.69
C LYS B 77 2.56 -10.72 16.05
N GLU B 78 3.30 -10.09 15.13
CA GLU B 78 4.72 -9.81 15.32
C GLU B 78 4.99 -8.36 15.83
N GLN B 79 6.05 -8.19 16.62
CA GLN B 79 6.42 -6.88 17.17
C GLN B 79 7.88 -6.54 16.83
N ASP B 80 8.07 -5.62 15.88
CA ASP B 80 9.41 -5.21 15.46
C ASP B 80 10.17 -4.27 16.40
N GLY B 81 9.45 -3.50 17.21
CA GLY B 81 10.13 -2.60 18.12
C GLY B 81 10.95 -3.35 19.13
N GLY B 82 12.20 -2.92 19.34
CA GLY B 82 13.05 -3.58 20.32
C GLY B 82 14.49 -3.11 20.30
N GLU B 83 15.35 -3.86 20.99
CA GLU B 83 16.79 -3.57 21.07
C GLU B 83 17.50 -4.51 20.07
N TYR B 84 18.31 -3.93 19.19
CA TYR B 84 19.01 -4.72 18.16
C TYR B 84 20.53 -4.56 18.11
N TRP B 85 21.22 -5.60 17.62
CA TRP B 85 22.68 -5.59 17.48
C TRP B 85 23.13 -6.79 16.65
N CYS B 86 24.31 -6.67 16.04
CA CYS B 86 24.84 -7.75 15.22
C CYS B 86 26.12 -8.32 15.82
N VAL B 87 26.56 -9.45 15.28
CA VAL B 87 27.75 -10.14 15.76
C VAL B 87 28.53 -10.77 14.61
N ALA B 88 29.80 -10.36 14.45
CA ALA B 88 30.65 -10.90 13.38
C ALA B 88 31.60 -12.04 13.80
N LYS B 89 31.26 -13.26 13.37
CA LYS B 89 32.01 -14.52 13.65
C LYS B 89 32.64 -15.18 12.37
N ASN B 90 33.98 -15.35 12.39
CA ASN B 90 34.74 -15.99 11.26
C ASN B 90 35.85 -16.94 11.74
N ARG B 91 36.62 -17.44 10.75
CA ARG B 91 37.74 -18.36 10.97
C ARG B 91 38.56 -17.97 12.18
N VAL B 92 38.55 -16.69 12.49
CA VAL B 92 39.28 -16.16 13.64
C VAL B 92 38.35 -16.00 14.87
N GLY B 93 38.30 -14.78 15.40
CA GLY B 93 37.47 -14.47 16.56
C GLY B 93 36.14 -13.84 16.18
N GLN B 94 35.58 -13.03 17.07
CA GLN B 94 34.30 -12.38 16.82
C GLN B 94 34.26 -10.94 17.33
N ALA B 95 33.17 -10.25 17.00
CA ALA B 95 32.95 -8.86 17.39
C ALA B 95 31.46 -8.58 17.57
N VAL B 96 31.11 -7.81 18.60
CA VAL B 96 29.72 -7.45 18.86
C VAL B 96 29.53 -5.94 18.70
N SER B 97 28.41 -5.56 18.09
CA SER B 97 28.10 -4.16 17.85
C SER B 97 27.39 -3.55 19.05
N ARG B 98 27.56 -2.24 19.22
CA ARG B 98 26.86 -1.56 20.31
C ARG B 98 25.37 -1.70 19.97
N HIS B 99 24.53 -1.75 21.00
CA HIS B 99 23.10 -1.92 20.81
C HIS B 99 22.43 -0.70 20.19
N ALA B 100 21.34 -0.94 19.45
CA ALA B 100 20.57 0.13 18.82
C ALA B 100 19.14 -0.20 19.14
N SER B 101 18.32 0.83 19.23
CA SER B 101 16.92 0.60 19.54
C SER B 101 16.00 1.08 18.41
N LEU B 102 15.14 0.17 17.97
CA LEU B 102 14.17 0.45 16.93
C LEU B 102 12.79 0.58 17.59
N GLN B 103 12.12 1.71 17.41
CA GLN B 103 10.80 1.90 17.98
C GLN B 103 9.76 2.25 16.91
N ILE B 104 8.57 1.68 17.04
CA ILE B 104 7.56 1.92 16.04
C ILE B 104 6.45 2.85 16.53
N ALA B 105 6.33 4.01 15.87
CA ALA B 105 5.31 4.98 16.23
C ALA B 105 3.99 4.49 15.68
N VAL B 106 2.90 4.82 16.37
CA VAL B 106 1.56 4.42 15.95
C VAL B 106 0.50 5.39 16.43
N LEU B 107 -0.60 5.44 15.71
CA LEU B 107 -1.70 6.32 16.06
C LEU B 107 -2.99 5.78 15.47
N ARG B 108 -3.72 5.02 16.26
CA ARG B 108 -4.99 4.47 15.78
C ARG B 108 -5.82 5.61 15.18
N ASP B 109 -6.90 5.26 14.50
CA ASP B 109 -7.75 6.27 13.90
C ASP B 109 -9.19 6.01 14.27
N ASP B 110 -9.50 6.23 15.54
CA ASP B 110 -10.84 6.01 16.07
C ASP B 110 -10.88 6.54 17.50
N PHE B 111 -11.43 7.72 17.72
CA PHE B 111 -11.49 8.28 19.07
C PHE B 111 -12.31 7.35 19.96
N ARG B 112 -11.88 7.16 21.21
CA ARG B 112 -12.63 6.31 22.13
C ARG B 112 -14.03 6.92 22.24
N VAL B 113 -14.08 8.24 22.44
CA VAL B 113 -15.32 9.00 22.58
C VAL B 113 -15.16 10.27 21.78
N GLU B 114 -16.25 10.73 21.17
CA GLU B 114 -16.21 11.94 20.36
C GLU B 114 -17.32 12.87 20.82
N PRO B 115 -17.03 14.18 20.93
CA PRO B 115 -18.01 15.16 21.37
C PRO B 115 -19.27 15.19 20.52
N LYS B 116 -20.42 15.38 21.17
CA LYS B 116 -21.71 15.40 20.50
C LYS B 116 -22.49 16.69 20.79
N ASP B 117 -23.06 17.31 19.76
CA ASP B 117 -23.81 18.55 19.94
C ASP B 117 -24.47 18.61 21.31
N THR B 118 -24.31 19.73 22.00
CA THR B 118 -24.86 19.89 23.34
C THR B 118 -25.41 21.29 23.59
N ARG B 119 -26.58 21.36 24.23
CA ARG B 119 -27.24 22.61 24.58
C ARG B 119 -27.33 22.67 26.10
N VAL B 120 -27.28 23.87 26.66
CA VAL B 120 -27.36 23.98 28.11
C VAL B 120 -27.65 25.44 28.51
N ALA B 121 -28.15 25.66 29.73
CA ALA B 121 -28.50 27.00 30.20
C ALA B 121 -27.38 27.84 30.79
N LYS B 122 -27.41 29.12 30.47
CA LYS B 122 -26.39 30.06 30.96
C LYS B 122 -26.12 29.83 32.43
N GLY B 123 -24.95 30.26 32.89
CA GLY B 123 -24.60 30.09 34.28
C GLY B 123 -24.67 28.64 34.74
N GLU B 124 -24.19 27.74 33.90
CA GLU B 124 -24.21 26.31 34.21
C GLU B 124 -22.94 25.61 33.82
N THR B 125 -22.93 24.31 34.06
CA THR B 125 -21.78 23.48 33.74
C THR B 125 -22.04 22.64 32.48
N ALA B 126 -21.05 22.59 31.59
CA ALA B 126 -21.14 21.85 30.36
C ALA B 126 -19.93 20.97 30.19
N LEU B 127 -20.12 19.73 29.73
CA LEU B 127 -19.01 18.83 29.54
C LEU B 127 -18.97 18.26 28.13
N LEU B 128 -17.94 18.66 27.39
CA LEU B 128 -17.80 18.16 26.04
C LEU B 128 -16.80 17.03 26.06
N GLU B 129 -17.27 15.83 25.72
CA GLU B 129 -16.43 14.64 25.75
C GLU B 129 -15.47 14.42 24.59
N CYS B 130 -14.31 13.87 24.91
CA CYS B 130 -13.33 13.55 23.90
C CYS B 130 -12.37 12.49 24.42
N GLY B 131 -12.38 11.33 23.78
CA GLY B 131 -11.49 10.27 24.16
C GLY B 131 -10.53 10.06 23.01
N PRO B 132 -9.31 10.60 23.10
CA PRO B 132 -8.34 10.45 22.03
C PRO B 132 -8.04 8.99 21.73
N PRO B 133 -7.74 8.67 20.48
CA PRO B 133 -7.44 7.28 20.16
C PRO B 133 -6.08 6.89 20.71
N LYS B 134 -5.92 5.59 20.97
CA LYS B 134 -4.69 5.04 21.53
C LYS B 134 -3.52 5.24 20.59
N GLY B 135 -2.36 5.62 21.13
CA GLY B 135 -1.20 5.85 20.29
C GLY B 135 0.12 5.93 21.03
N ILE B 136 1.23 5.77 20.30
CA ILE B 136 2.55 5.82 20.91
C ILE B 136 3.61 6.32 19.92
N PRO B 137 4.38 7.35 20.30
CA PRO B 137 4.37 8.08 21.57
C PRO B 137 2.98 8.52 21.96
N GLU B 138 2.78 8.74 23.25
CA GLU B 138 1.49 9.20 23.73
C GLU B 138 1.04 10.44 22.95
N PRO B 139 -0.15 10.39 22.34
CA PRO B 139 -0.63 11.55 21.58
C PRO B 139 -1.02 12.68 22.52
N THR B 140 -1.22 13.87 22.00
CA THR B 140 -1.60 14.99 22.85
C THR B 140 -2.90 15.55 22.37
N LEU B 141 -3.73 16.02 23.29
CA LEU B 141 -5.02 16.55 22.91
C LEU B 141 -5.16 18.06 23.07
N ILE B 142 -5.83 18.68 22.12
CA ILE B 142 -6.05 20.11 22.14
C ILE B 142 -7.46 20.34 21.64
N TRP B 143 -8.11 21.39 22.11
CA TRP B 143 -9.46 21.68 21.65
C TRP B 143 -9.48 22.87 20.73
N ILE B 144 -10.42 22.86 19.80
CA ILE B 144 -10.55 23.94 18.85
C ILE B 144 -11.96 24.47 18.83
N LYS B 145 -12.06 25.79 18.82
CA LYS B 145 -13.36 26.45 18.77
C LYS B 145 -13.45 27.32 17.53
N ASP B 146 -14.48 27.05 16.75
CA ASP B 146 -14.73 27.76 15.53
C ASP B 146 -13.47 28.18 14.78
N GLY B 147 -12.67 27.18 14.40
CA GLY B 147 -11.46 27.45 13.66
C GLY B 147 -10.23 27.72 14.48
N VAL B 148 -10.41 28.40 15.61
CA VAL B 148 -9.31 28.78 16.50
C VAL B 148 -8.99 27.85 17.68
N PRO B 149 -7.70 27.47 17.84
CA PRO B 149 -7.33 26.59 18.94
C PRO B 149 -7.65 27.24 20.28
N LEU B 150 -8.18 26.44 21.20
CA LEU B 150 -8.57 26.92 22.50
C LEU B 150 -7.52 27.77 23.19
N ASP B 151 -6.34 27.21 23.38
CA ASP B 151 -5.27 27.91 24.05
C ASP B 151 -5.06 29.31 23.53
N ASP B 152 -5.10 29.47 22.21
CA ASP B 152 -4.93 30.80 21.67
C ASP B 152 -6.02 31.69 22.25
N LEU B 153 -7.23 31.16 22.37
CA LEU B 153 -8.31 31.98 22.90
C LEU B 153 -8.09 32.31 24.36
N LYS B 154 -7.75 31.31 25.16
CA LYS B 154 -7.53 31.54 26.58
C LYS B 154 -6.45 32.57 26.80
N ALA B 155 -5.51 32.59 25.86
CA ALA B 155 -4.38 33.51 25.88
C ALA B 155 -4.81 34.96 25.92
N MET B 156 -6.03 35.20 25.50
CA MET B 156 -6.58 36.54 25.45
C MET B 156 -7.58 36.77 26.55
N SER B 157 -8.16 35.69 27.07
CA SER B 157 -9.15 35.84 28.10
C SER B 157 -8.63 36.35 29.45
N PHE B 158 -9.42 37.24 30.06
CA PHE B 158 -9.09 37.79 31.36
C PHE B 158 -9.95 37.13 32.42
N GLY B 159 -10.57 36.00 32.08
CA GLY B 159 -11.37 35.30 33.06
C GLY B 159 -10.49 34.24 33.67
N ALA B 160 -10.98 33.52 34.67
CA ALA B 160 -10.15 32.47 35.26
C ALA B 160 -10.02 31.29 34.29
N SER B 161 -8.79 30.96 33.93
CA SER B 161 -8.55 29.84 33.00
C SER B 161 -9.21 28.61 33.61
N SER B 162 -9.15 28.57 34.93
CA SER B 162 -9.71 27.49 35.70
C SER B 162 -11.14 27.10 35.35
N ARG B 163 -11.89 27.95 34.64
CA ARG B 163 -13.27 27.56 34.29
C ARG B 163 -13.39 26.65 33.06
N VAL B 164 -12.56 26.88 32.06
CA VAL B 164 -12.60 26.05 30.89
C VAL B 164 -11.32 25.22 30.88
N ARG B 165 -11.35 24.07 31.55
CA ARG B 165 -10.18 23.18 31.63
C ARG B 165 -10.43 21.79 31.07
N ILE B 166 -9.41 21.23 30.43
CA ILE B 166 -9.48 19.89 29.88
C ILE B 166 -9.31 18.91 31.04
N VAL B 167 -10.33 18.12 31.31
CA VAL B 167 -10.28 17.17 32.40
C VAL B 167 -10.53 15.74 31.97
N ASP B 168 -9.74 14.82 32.52
CA ASP B 168 -9.83 13.38 32.26
C ASP B 168 -9.26 12.99 30.91
N GLY B 169 -8.03 13.44 30.67
CA GLY B 169 -7.34 13.15 29.42
C GLY B 169 -8.18 13.30 28.17
N GLY B 170 -8.89 14.41 28.04
CA GLY B 170 -9.71 14.61 26.86
C GLY B 170 -10.91 15.52 27.03
N ASN B 171 -11.82 15.15 27.93
CA ASN B 171 -13.03 15.92 28.14
C ASN B 171 -12.81 17.39 28.49
N LEU B 172 -13.62 18.24 27.87
CA LEU B 172 -13.55 19.68 28.10
C LEU B 172 -14.64 20.06 29.09
N LEU B 173 -14.23 20.70 30.17
CA LEU B 173 -15.15 21.11 31.21
C LEU B 173 -15.42 22.60 31.11
N ILE B 174 -16.69 22.98 31.12
CA ILE B 174 -17.03 24.39 31.03
C ILE B 174 -18.05 24.80 32.08
N SER B 175 -17.56 25.23 33.22
CA SER B 175 -18.42 25.67 34.32
C SER B 175 -18.75 27.14 34.14
N ASN B 176 -19.98 27.52 34.50
CA ASN B 176 -20.46 28.88 34.36
C ASN B 176 -20.40 29.23 32.90
N VAL B 177 -21.20 28.48 32.14
CA VAL B 177 -21.27 28.68 30.72
C VAL B 177 -21.76 30.07 30.53
N GLU B 178 -21.23 30.73 29.51
CA GLU B 178 -21.57 32.11 29.18
C GLU B 178 -22.02 32.19 27.76
N PRO B 179 -22.76 33.24 27.41
CA PRO B 179 -23.25 33.40 26.04
C PRO B 179 -22.14 33.18 25.02
N ILE B 180 -20.95 33.63 25.39
CA ILE B 180 -19.76 33.52 24.56
C ILE B 180 -19.23 32.09 24.40
N ASP B 181 -19.38 31.29 25.44
CA ASP B 181 -18.91 29.90 25.42
C ASP B 181 -19.54 29.10 24.32
N GLU B 182 -20.48 29.71 23.63
CA GLU B 182 -21.19 29.02 22.58
C GLU B 182 -20.39 28.95 21.30
N GLY B 183 -20.61 27.91 20.51
CA GLY B 183 -19.88 27.77 19.27
C GLY B 183 -19.59 26.32 18.91
N ASN B 184 -18.70 26.11 17.95
CA ASN B 184 -18.32 24.77 17.50
C ASN B 184 -17.01 24.26 18.12
N TYR B 185 -17.08 23.08 18.72
CA TYR B 185 -15.92 22.48 19.37
C TYR B 185 -15.49 21.17 18.73
N LYS B 186 -14.18 20.96 18.68
CA LYS B 186 -13.58 19.78 18.06
C LYS B 186 -12.27 19.50 18.79
N CYS B 187 -11.90 18.24 18.97
CA CYS B 187 -10.65 17.93 19.64
C CYS B 187 -9.68 17.24 18.69
N ILE B 188 -8.38 17.39 18.93
CA ILE B 188 -7.38 16.81 18.04
C ILE B 188 -6.26 16.07 18.77
N ALA B 189 -6.05 14.82 18.40
CA ALA B 189 -4.99 14.03 19.00
C ALA B 189 -3.82 14.09 18.05
N GLN B 190 -2.60 14.10 18.58
CA GLN B 190 -1.44 14.20 17.70
C GLN B 190 -0.15 13.65 18.28
N ASN B 191 0.61 12.98 17.43
CA ASN B 191 1.91 12.43 17.81
C ASN B 191 2.75 12.36 16.55
N LEU B 192 3.89 11.67 16.66
CA LEU B 192 4.79 11.53 15.53
C LEU B 192 4.13 11.04 14.24
N VAL B 193 3.21 10.10 14.35
CA VAL B 193 2.54 9.55 13.18
C VAL B 193 1.79 10.60 12.39
N GLY B 194 0.83 11.26 13.03
CA GLY B 194 0.04 12.28 12.37
C GLY B 194 -0.96 12.87 13.33
N THR B 195 -2.11 13.32 12.84
CA THR B 195 -3.11 13.89 13.71
C THR B 195 -4.48 13.30 13.45
N ARG B 196 -5.30 13.32 14.49
CA ARG B 196 -6.65 12.79 14.42
C ARG B 196 -7.65 13.86 14.90
N GLU B 197 -8.64 14.15 14.08
CA GLU B 197 -9.63 15.16 14.40
C GLU B 197 -11.02 14.61 14.63
N SER B 198 -11.58 14.89 15.80
CA SER B 198 -12.92 14.45 16.09
C SER B 198 -13.82 15.28 15.21
N SER B 199 -15.10 14.97 15.18
CA SER B 199 -16.03 15.74 14.38
C SER B 199 -16.31 16.97 15.24
N TYR B 200 -16.91 17.99 14.64
CA TYR B 200 -17.25 19.21 15.35
C TYR B 200 -18.52 19.01 16.15
N ALA B 201 -18.77 19.89 17.09
CA ALA B 201 -19.97 19.82 17.93
C ALA B 201 -20.37 21.23 18.34
N LYS B 202 -21.67 21.53 18.25
CA LYS B 202 -22.20 22.85 18.61
C LYS B 202 -22.64 22.90 20.05
N LEU B 203 -22.23 23.94 20.75
CA LEU B 203 -22.60 24.12 22.14
C LEU B 203 -23.65 25.21 22.12
N ILE B 204 -24.88 24.89 22.46
CA ILE B 204 -25.93 25.91 22.44
C ILE B 204 -26.26 26.36 23.86
N VAL B 205 -26.11 27.67 24.09
CA VAL B 205 -26.33 28.28 25.40
C VAL B 205 -27.70 28.95 25.57
N GLN B 206 -28.38 28.62 26.68
CA GLN B 206 -29.68 29.17 27.05
C GLN B 206 -30.77 28.99 26.00
N VAL B 207 -31.55 29.95 25.82
N GLN C 6 31.72 -41.14 -0.77
CA GLN C 6 30.38 -40.86 -1.37
C GLN C 6 29.87 -39.47 -1.00
N TYR C 7 29.79 -38.58 -1.99
CA TYR C 7 29.31 -37.22 -1.78
C TYR C 7 28.56 -36.72 -3.02
N GLN C 8 27.23 -36.69 -2.92
CA GLN C 8 26.32 -36.29 -3.99
C GLN C 8 26.59 -34.91 -4.56
N SER C 9 26.31 -34.76 -5.85
CA SER C 9 26.49 -33.49 -6.53
C SER C 9 25.10 -32.82 -6.58
N PRO C 10 24.96 -31.72 -7.35
CA PRO C 10 23.68 -31.01 -7.44
C PRO C 10 22.47 -31.71 -8.05
N ARG C 11 21.46 -31.90 -7.21
CA ARG C 11 20.18 -32.49 -7.60
C ARG C 11 19.09 -31.49 -7.22
N ILE C 12 18.30 -31.08 -8.20
CA ILE C 12 17.20 -30.15 -7.98
C ILE C 12 15.91 -30.89 -7.67
N ILE C 13 15.44 -30.78 -6.43
CA ILE C 13 14.22 -31.45 -6.01
C ILE C 13 12.95 -30.80 -6.55
N GLU C 14 12.86 -29.49 -6.48
CA GLU C 14 11.69 -28.80 -7.01
C GLU C 14 12.11 -27.61 -7.85
N HIS C 15 11.74 -27.64 -9.12
CA HIS C 15 12.09 -26.57 -10.02
C HIS C 15 11.09 -25.46 -9.85
N PRO C 16 11.41 -24.28 -10.39
CA PRO C 16 10.50 -23.14 -10.28
C PRO C 16 9.37 -23.39 -11.28
N THR C 17 8.14 -23.08 -10.89
CA THR C 17 7.00 -23.29 -11.77
C THR C 17 6.50 -21.93 -12.27
N ASP C 18 5.98 -21.90 -13.50
CA ASP C 18 5.48 -20.64 -14.08
C ASP C 18 4.52 -19.93 -13.12
N LEU C 19 4.53 -18.61 -13.14
CA LEU C 19 3.68 -17.84 -12.25
C LEU C 19 3.13 -16.54 -12.86
N VAL C 20 1.91 -16.19 -12.44
CA VAL C 20 1.23 -14.99 -12.92
C VAL C 20 0.71 -14.16 -11.75
N VAL C 21 1.17 -12.91 -11.66
CA VAL C 21 0.71 -12.04 -10.58
C VAL C 21 0.48 -10.63 -11.09
N LYS C 22 -0.27 -9.86 -10.31
CA LYS C 22 -0.57 -8.49 -10.69
C LYS C 22 0.52 -7.53 -10.21
N LYS C 23 0.83 -6.53 -11.02
CA LYS C 23 1.86 -5.58 -10.64
C LYS C 23 1.70 -5.28 -9.17
N ASN C 24 2.82 -5.13 -8.49
CA ASN C 24 2.84 -4.80 -7.08
C ASN C 24 2.38 -5.87 -6.11
N GLU C 25 2.16 -7.09 -6.58
CA GLU C 25 1.80 -8.18 -5.68
C GLU C 25 3.10 -8.94 -5.37
N PRO C 26 3.09 -9.78 -4.33
CA PRO C 26 4.33 -10.51 -4.06
C PRO C 26 4.42 -11.68 -5.03
N ALA C 27 5.61 -12.24 -5.17
CA ALA C 27 5.82 -13.37 -6.07
C ALA C 27 6.97 -14.22 -5.58
N THR C 28 6.82 -15.54 -5.71
CA THR C 28 7.85 -16.47 -5.28
C THR C 28 8.14 -17.53 -6.35
N LEU C 29 9.43 -17.85 -6.54
CA LEU C 29 9.88 -18.87 -7.48
C LEU C 29 10.74 -19.82 -6.68
N ASN C 30 10.31 -21.08 -6.58
CA ASN C 30 11.06 -22.06 -5.80
C ASN C 30 12.26 -22.72 -6.50
N CYS C 31 13.18 -23.22 -5.70
CA CYS C 31 14.37 -23.89 -6.21
C CYS C 31 14.95 -24.74 -5.10
N LYS C 32 14.25 -25.85 -4.85
CA LYS C 32 14.65 -26.82 -3.84
C LYS C 32 15.81 -27.60 -4.40
N VAL C 33 16.91 -27.67 -3.65
CA VAL C 33 18.09 -28.40 -4.11
C VAL C 33 18.72 -29.19 -2.98
N GLU C 34 19.53 -30.17 -3.35
CA GLU C 34 20.21 -31.00 -2.37
C GLU C 34 21.57 -31.39 -2.91
N GLY C 35 22.58 -31.30 -2.06
CA GLY C 35 23.92 -31.64 -2.49
C GLY C 35 24.94 -31.83 -1.39
N LYS C 36 26.09 -32.37 -1.79
CA LYS C 36 27.20 -32.64 -0.89
C LYS C 36 28.41 -31.94 -1.51
N PRO C 37 28.85 -30.82 -0.91
CA PRO C 37 28.28 -30.21 0.31
C PRO C 37 27.04 -29.39 -0.06
N GLU C 38 26.41 -28.76 0.93
CA GLU C 38 25.21 -27.94 0.65
C GLU C 38 25.63 -26.99 -0.47
N PRO C 39 25.05 -27.17 -1.68
CA PRO C 39 25.41 -26.29 -2.79
C PRO C 39 25.03 -24.83 -2.68
N THR C 40 25.39 -24.07 -3.70
CA THR C 40 25.05 -22.65 -3.74
C THR C 40 24.05 -22.42 -4.86
N ILE C 41 23.08 -21.56 -4.60
CA ILE C 41 22.10 -21.27 -5.62
C ILE C 41 22.26 -19.89 -6.19
N GLU C 42 22.04 -19.75 -7.49
CA GLU C 42 22.14 -18.45 -8.13
C GLU C 42 20.98 -18.37 -9.09
N TRP C 43 20.38 -17.20 -9.21
CA TRP C 43 19.25 -17.03 -10.12
C TRP C 43 19.57 -16.25 -11.38
N PHE C 44 18.93 -16.65 -12.48
CA PHE C 44 19.11 -15.98 -13.75
C PHE C 44 17.75 -15.63 -14.36
N LYS C 45 17.75 -14.52 -15.09
CA LYS C 45 16.56 -14.01 -15.74
C LYS C 45 16.90 -13.70 -17.17
N ASP C 46 16.31 -14.43 -18.09
CA ASP C 46 16.58 -14.22 -19.51
C ASP C 46 18.08 -14.14 -19.75
N GLY C 47 18.80 -15.19 -19.36
CA GLY C 47 20.23 -15.25 -19.56
C GLY C 47 21.11 -14.44 -18.60
N GLU C 48 20.54 -13.43 -17.96
CA GLU C 48 21.30 -12.59 -17.03
C GLU C 48 21.14 -13.10 -15.61
N PRO C 49 22.16 -12.89 -14.78
CA PRO C 49 22.12 -13.33 -13.38
C PRO C 49 21.34 -12.28 -12.57
N VAL C 50 20.57 -12.74 -11.60
CA VAL C 50 19.78 -11.85 -10.79
C VAL C 50 20.51 -11.48 -9.49
N SER C 51 20.58 -10.20 -9.19
CA SER C 51 21.23 -9.78 -7.98
C SER C 51 20.15 -9.78 -6.90
N THR C 52 20.48 -10.36 -5.76
CA THR C 52 19.56 -10.45 -4.64
C THR C 52 20.11 -9.76 -3.37
N ASN C 53 19.35 -9.89 -2.28
CA ASN C 53 19.66 -9.34 -0.96
C ASN C 53 20.59 -8.16 -0.80
N GLU C 54 20.26 -7.05 -1.46
CA GLU C 54 21.03 -5.83 -1.38
C GLU C 54 20.14 -4.60 -1.51
N LYS C 55 20.59 -3.50 -0.93
CA LYS C 55 19.84 -2.24 -0.96
C LYS C 55 19.13 -2.01 -2.30
N LYS C 56 19.88 -1.72 -3.35
CA LYS C 56 19.26 -1.48 -4.65
C LYS C 56 18.78 -2.78 -5.30
N SER C 57 18.18 -3.65 -4.52
CA SER C 57 17.65 -4.91 -5.02
C SER C 57 16.33 -5.14 -4.34
N HIS C 58 15.25 -5.24 -5.12
CA HIS C 58 13.96 -5.48 -4.49
C HIS C 58 13.68 -6.97 -4.50
N ARG C 59 14.72 -7.76 -4.78
CA ARG C 59 14.61 -9.21 -4.81
C ARG C 59 15.34 -9.81 -3.61
N VAL C 60 14.78 -10.88 -3.06
CA VAL C 60 15.36 -11.55 -1.90
C VAL C 60 15.55 -13.01 -2.19
N GLN C 61 16.60 -13.60 -1.64
CA GLN C 61 16.83 -15.01 -1.86
C GLN C 61 16.76 -15.79 -0.54
N PHE C 62 15.72 -16.60 -0.40
CA PHE C 62 15.54 -17.37 0.81
C PHE C 62 16.62 -18.43 1.00
N LYS C 63 16.84 -18.79 2.25
CA LYS C 63 17.80 -19.82 2.59
C LYS C 63 17.43 -21.15 1.94
N ASP C 64 16.18 -21.32 1.48
CA ASP C 64 15.75 -22.56 0.83
C ASP C 64 15.95 -22.48 -0.69
N GLY C 65 16.56 -21.37 -1.13
CA GLY C 65 16.84 -21.20 -2.55
C GLY C 65 15.81 -20.43 -3.35
N ALA C 66 14.64 -20.22 -2.74
CA ALA C 66 13.56 -19.50 -3.41
C ALA C 66 13.91 -18.02 -3.66
N LEU C 67 13.48 -17.53 -4.82
CA LEU C 67 13.69 -16.14 -5.20
C LEU C 67 12.39 -15.46 -4.77
N PHE C 68 12.48 -14.36 -4.03
CA PHE C 68 11.28 -13.69 -3.54
C PHE C 68 11.11 -12.20 -3.83
N PHE C 69 9.95 -11.84 -4.39
CA PHE C 69 9.69 -10.44 -4.68
C PHE C 69 8.61 -9.97 -3.71
N TYR C 70 8.92 -9.03 -2.83
CA TYR C 70 7.87 -8.59 -1.91
C TYR C 70 6.95 -7.65 -2.64
N ARG C 71 7.51 -6.86 -3.55
CA ARG C 71 6.73 -5.91 -4.33
C ARG C 71 7.10 -6.08 -5.80
N THR C 72 6.37 -6.91 -6.50
CA THR C 72 6.66 -7.12 -7.90
C THR C 72 6.56 -5.80 -8.67
N MET C 73 7.45 -5.61 -9.63
CA MET C 73 7.47 -4.38 -10.42
C MET C 73 7.37 -4.65 -11.90
N GLN C 74 6.83 -3.69 -12.65
CA GLN C 74 6.68 -3.84 -14.09
C GLN C 74 6.46 -2.47 -14.73
N GLY C 75 7.39 -1.56 -14.53
CA GLY C 75 7.25 -0.25 -15.12
C GLY C 75 8.47 0.14 -15.95
N LYS C 76 8.98 1.35 -15.70
CA LYS C 76 10.16 1.87 -16.39
C LYS C 76 11.43 1.42 -15.67
N LYS C 77 11.34 1.29 -14.35
CA LYS C 77 12.47 0.90 -13.52
C LYS C 77 13.01 -0.44 -13.99
N GLU C 78 12.39 -1.51 -13.54
CA GLU C 78 12.77 -2.87 -13.92
C GLU C 78 11.46 -3.57 -14.28
N GLN C 79 11.51 -4.49 -15.24
CA GLN C 79 10.32 -5.22 -15.67
C GLN C 79 10.35 -6.69 -15.20
N ASP C 80 10.22 -6.90 -13.90
CA ASP C 80 10.27 -8.25 -13.31
C ASP C 80 9.81 -9.40 -14.18
N GLY C 81 8.89 -9.13 -15.12
CA GLY C 81 8.41 -10.20 -15.98
C GLY C 81 9.53 -10.77 -16.83
N GLY C 82 9.62 -12.10 -16.88
CA GLY C 82 10.66 -12.72 -17.68
C GLY C 82 10.77 -14.23 -17.49
N GLU C 83 11.87 -14.80 -18.00
CA GLU C 83 12.16 -16.23 -17.90
C GLU C 83 13.17 -16.40 -16.77
N TYR C 84 12.86 -17.28 -15.83
CA TYR C 84 13.75 -17.49 -14.67
C TYR C 84 14.16 -18.94 -14.43
N TRP C 85 15.33 -19.11 -13.80
CA TRP C 85 15.85 -20.44 -13.45
C TRP C 85 17.04 -20.30 -12.50
N CYS C 86 17.29 -21.35 -11.72
CA CYS C 86 18.40 -21.33 -10.76
C CYS C 86 19.47 -22.34 -11.15
N VAL C 87 20.61 -22.27 -10.46
CA VAL C 87 21.75 -23.14 -10.74
C VAL C 87 22.48 -23.46 -9.46
N ALA C 88 22.49 -24.74 -9.07
CA ALA C 88 23.18 -25.13 -7.85
C ALA C 88 24.56 -25.70 -8.18
N LYS C 89 25.61 -25.09 -7.65
CA LYS C 89 26.99 -25.51 -7.90
C LYS C 89 27.77 -25.77 -6.61
N ASN C 90 28.21 -27.01 -6.40
CA ASN C 90 28.99 -27.38 -5.21
C ASN C 90 30.40 -27.83 -5.62
N ARG C 91 30.96 -28.79 -4.88
CA ARG C 91 32.30 -29.30 -5.21
C ARG C 91 32.25 -30.24 -6.42
N VAL C 92 31.60 -31.39 -6.25
CA VAL C 92 31.48 -32.40 -7.31
C VAL C 92 30.76 -32.03 -8.62
N GLY C 93 30.13 -30.85 -8.69
CA GLY C 93 29.47 -30.46 -9.93
C GLY C 93 28.38 -29.41 -9.78
N GLN C 94 27.51 -29.32 -10.79
CA GLN C 94 26.40 -28.36 -10.76
C GLN C 94 25.11 -28.93 -11.37
N ALA C 95 24.02 -28.17 -11.22
CA ALA C 95 22.72 -28.57 -11.73
C ALA C 95 21.92 -27.32 -12.12
N VAL C 96 21.19 -27.42 -13.23
CA VAL C 96 20.37 -26.31 -13.69
C VAL C 96 18.91 -26.69 -13.65
N SER C 97 18.07 -25.75 -13.24
CA SER C 97 16.63 -25.99 -13.14
C SER C 97 15.90 -25.71 -14.44
N ARG C 98 14.77 -26.38 -14.64
CA ARG C 98 13.96 -26.14 -15.83
C ARG C 98 13.63 -24.64 -15.76
N HIS C 99 13.34 -24.03 -16.89
CA HIS C 99 13.00 -22.62 -16.89
C HIS C 99 11.55 -22.40 -16.44
N ALA C 100 11.29 -21.23 -15.83
CA ALA C 100 9.95 -20.88 -15.38
C ALA C 100 9.74 -19.48 -15.88
N SER C 101 8.49 -19.13 -16.15
CA SER C 101 8.19 -17.81 -16.65
C SER C 101 7.28 -17.06 -15.69
N LEU C 102 7.74 -15.85 -15.34
CA LEU C 102 7.02 -14.96 -14.43
C LEU C 102 6.44 -13.84 -15.29
N GLN C 103 5.11 -13.76 -15.29
CA GLN C 103 4.45 -12.70 -16.03
C GLN C 103 3.75 -11.83 -15.04
N ILE C 104 4.12 -10.54 -15.05
CA ILE C 104 3.47 -9.62 -14.14
C ILE C 104 2.35 -8.97 -14.91
N ALA C 105 1.12 -9.19 -14.47
CA ALA C 105 -0.03 -8.61 -15.16
C ALA C 105 -0.09 -7.12 -14.90
N VAL C 106 -0.60 -6.39 -15.88
CA VAL C 106 -0.72 -4.95 -15.75
C VAL C 106 -1.87 -4.43 -16.58
N LEU C 107 -2.40 -3.28 -16.19
CA LEU C 107 -3.50 -2.65 -16.92
C LEU C 107 -3.48 -1.17 -16.62
N ARG C 108 -2.74 -0.40 -17.42
CA ARG C 108 -2.65 1.05 -17.19
C ARG C 108 -4.07 1.57 -17.02
N ASP C 109 -4.23 2.58 -16.16
CA ASP C 109 -5.57 3.11 -15.87
C ASP C 109 -6.19 4.16 -16.80
N ASP C 110 -5.53 4.57 -17.87
CA ASP C 110 -6.11 5.58 -18.75
C ASP C 110 -6.01 5.24 -20.23
N PHE C 111 -7.17 5.23 -20.88
CA PHE C 111 -7.30 4.94 -22.31
C PHE C 111 -6.37 5.79 -23.19
N ARG C 112 -6.45 5.55 -24.49
CA ARG C 112 -5.66 6.25 -25.51
C ARG C 112 -6.61 7.33 -26.00
N VAL C 113 -7.81 6.89 -26.34
CA VAL C 113 -8.86 7.76 -26.84
C VAL C 113 -10.15 7.35 -26.19
N GLU C 114 -10.99 8.33 -25.88
CA GLU C 114 -12.27 8.07 -25.25
C GLU C 114 -13.40 8.68 -26.09
N PRO C 115 -14.49 7.94 -26.28
CA PRO C 115 -15.62 8.44 -27.07
C PRO C 115 -16.24 9.72 -26.48
N LYS C 116 -16.60 10.65 -27.36
CA LYS C 116 -17.22 11.90 -26.93
C LYS C 116 -18.62 11.97 -27.54
N ASP C 117 -19.52 12.72 -26.92
CA ASP C 117 -20.89 12.88 -27.43
C ASP C 117 -20.88 13.21 -28.93
N THR C 118 -21.76 12.56 -29.68
CA THR C 118 -21.82 12.76 -31.13
C THR C 118 -23.23 12.63 -31.73
N ARG C 119 -23.46 13.36 -32.82
CA ARG C 119 -24.72 13.33 -33.56
C ARG C 119 -24.33 13.49 -35.04
N VAL C 120 -24.71 12.51 -35.87
CA VAL C 120 -24.40 12.55 -37.30
C VAL C 120 -25.66 12.24 -38.11
N ALA C 121 -25.68 12.70 -39.36
CA ALA C 121 -26.80 12.52 -40.31
C ALA C 121 -27.61 11.22 -40.15
N LYS C 122 -28.93 11.35 -40.10
CA LYS C 122 -29.83 10.20 -39.96
C LYS C 122 -29.41 9.08 -40.93
N GLY C 123 -29.58 7.84 -40.50
CA GLY C 123 -29.21 6.70 -41.34
C GLY C 123 -27.89 6.74 -42.08
N GLU C 124 -26.91 7.51 -41.58
CA GLU C 124 -25.61 7.59 -42.24
C GLU C 124 -24.52 6.89 -41.45
N THR C 125 -23.29 7.39 -41.55
CA THR C 125 -22.16 6.78 -40.84
C THR C 125 -21.72 7.56 -39.60
N ALA C 126 -21.54 6.82 -38.50
CA ALA C 126 -21.11 7.38 -37.23
C ALA C 126 -19.95 6.57 -36.65
N LEU C 127 -18.96 7.26 -36.12
CA LEU C 127 -17.80 6.58 -35.57
C LEU C 127 -17.54 6.98 -34.13
N LEU C 128 -17.81 6.06 -33.22
CA LEU C 128 -17.59 6.29 -31.80
C LEU C 128 -16.13 5.85 -31.55
N GLU C 129 -15.30 6.76 -31.06
CA GLU C 129 -13.88 6.49 -30.83
C GLU C 129 -13.43 5.97 -29.44
N CYS C 130 -12.76 4.81 -29.44
CA CYS C 130 -12.26 4.17 -28.21
C CYS C 130 -10.84 3.58 -28.34
N GLY C 131 -9.89 4.14 -27.58
CA GLY C 131 -8.53 3.64 -27.61
C GLY C 131 -8.24 2.98 -26.27
N PRO C 132 -8.41 1.66 -26.14
CA PRO C 132 -8.15 1.01 -24.86
C PRO C 132 -6.76 1.29 -24.33
N PRO C 133 -6.62 1.34 -23.00
CA PRO C 133 -5.29 1.60 -22.47
C PRO C 133 -4.49 0.33 -22.64
N LYS C 134 -3.18 0.48 -22.78
CA LYS C 134 -2.30 -0.67 -22.95
C LYS C 134 -2.34 -1.56 -21.72
N GLY C 135 -2.02 -2.84 -21.92
CA GLY C 135 -2.03 -3.76 -20.81
C GLY C 135 -1.55 -5.13 -21.23
N ILE C 136 -1.19 -5.95 -20.26
CA ILE C 136 -0.71 -7.29 -20.52
C ILE C 136 -1.05 -8.23 -19.37
N PRO C 137 -1.72 -9.35 -19.66
CA PRO C 137 -2.18 -9.81 -20.97
C PRO C 137 -2.90 -8.73 -21.77
N GLU C 138 -2.95 -8.91 -23.07
CA GLU C 138 -3.67 -7.96 -23.91
C GLU C 138 -5.11 -7.84 -23.41
N PRO C 139 -5.55 -6.62 -23.09
CA PRO C 139 -6.92 -6.45 -22.60
C PRO C 139 -7.89 -6.67 -23.76
N THR C 140 -9.17 -6.75 -23.45
CA THR C 140 -10.18 -6.96 -24.49
C THR C 140 -11.23 -5.86 -24.41
N LEU C 141 -11.67 -5.38 -25.57
CA LEU C 141 -12.66 -4.32 -25.59
C LEU C 141 -14.06 -4.80 -25.91
N ILE C 142 -15.04 -4.15 -25.31
CA ILE C 142 -16.45 -4.45 -25.53
C ILE C 142 -17.19 -3.12 -25.43
N TRP C 143 -18.29 -2.96 -26.15
CA TRP C 143 -19.04 -1.70 -26.07
C TRP C 143 -20.33 -1.91 -25.30
N ILE C 144 -20.77 -0.85 -24.64
CA ILE C 144 -22.01 -0.93 -23.91
C ILE C 144 -22.95 0.19 -24.32
N LYS C 145 -24.21 -0.18 -24.52
CA LYS C 145 -25.25 0.76 -24.91
C LYS C 145 -26.28 0.79 -23.82
N ASP C 146 -26.47 1.97 -23.22
CA ASP C 146 -27.44 2.17 -22.16
C ASP C 146 -27.62 1.01 -21.17
N GLY C 147 -26.53 0.70 -20.48
CA GLY C 147 -26.55 -0.34 -19.48
C GLY C 147 -26.21 -1.71 -20.00
N VAL C 148 -26.68 -2.03 -21.21
CA VAL C 148 -26.46 -3.34 -21.79
C VAL C 148 -25.27 -3.46 -22.72
N PRO C 149 -24.57 -4.60 -22.66
CA PRO C 149 -23.41 -4.84 -23.52
C PRO C 149 -23.87 -5.02 -24.96
N LEU C 150 -23.12 -4.44 -25.88
CA LEU C 150 -23.45 -4.48 -27.31
C LEU C 150 -23.82 -5.84 -27.95
N ASP C 151 -22.88 -6.77 -28.04
CA ASP C 151 -23.17 -8.10 -28.64
C ASP C 151 -24.44 -8.69 -28.06
N ASP C 152 -24.82 -8.20 -26.88
CA ASP C 152 -26.04 -8.63 -26.21
C ASP C 152 -27.19 -7.71 -26.62
N ARG C 163 -24.81 -3.62 -39.68
CA ARG C 163 -24.28 -2.38 -40.24
C ARG C 163 -23.39 -1.68 -39.24
N VAL C 164 -23.01 -2.42 -38.19
CA VAL C 164 -22.17 -1.88 -37.14
C VAL C 164 -21.17 -2.90 -36.60
N ARG C 165 -19.89 -2.56 -36.67
CA ARG C 165 -18.87 -3.46 -36.19
C ARG C 165 -17.65 -2.68 -35.71
N ILE C 166 -16.89 -3.33 -34.83
CA ILE C 166 -15.68 -2.75 -34.24
C ILE C 166 -14.54 -2.82 -35.25
N VAL C 167 -13.62 -1.86 -35.17
CA VAL C 167 -12.46 -1.80 -36.08
C VAL C 167 -11.34 -0.99 -35.41
N ASP C 168 -10.10 -1.16 -35.87
CA ASP C 168 -8.99 -0.41 -35.30
C ASP C 168 -8.77 -0.75 -33.84
N GLY C 169 -9.24 -1.93 -33.42
CA GLY C 169 -9.06 -2.33 -32.04
C GLY C 169 -9.60 -1.29 -31.07
N GLY C 170 -10.87 -0.97 -31.19
CA GLY C 170 -11.47 0.00 -30.30
C GLY C 170 -12.66 0.79 -30.82
N ASN C 171 -12.43 1.56 -31.88
CA ASN C 171 -13.48 2.38 -32.48
C ASN C 171 -14.72 1.63 -32.96
N LEU C 172 -15.89 2.16 -32.58
CA LEU C 172 -17.16 1.56 -32.97
C LEU C 172 -17.68 2.26 -34.23
N LEU C 173 -17.91 1.47 -35.27
CA LEU C 173 -18.40 1.99 -36.53
C LEU C 173 -19.89 1.75 -36.69
N ILE C 174 -20.61 2.79 -37.05
CA ILE C 174 -22.05 2.67 -37.26
C ILE C 174 -22.53 3.28 -38.57
N SER C 175 -22.59 2.45 -39.61
CA SER C 175 -23.05 2.86 -40.92
C SER C 175 -24.57 2.69 -40.99
N ASN C 176 -25.26 3.65 -41.62
CA ASN C 176 -26.72 3.60 -41.72
C ASN C 176 -27.31 3.57 -40.31
N VAL C 177 -27.19 4.67 -39.58
CA VAL C 177 -27.71 4.75 -38.21
C VAL C 177 -29.23 4.90 -38.18
N GLU C 178 -29.93 3.81 -37.85
CA GLU C 178 -31.39 3.83 -37.80
C GLU C 178 -31.91 4.76 -36.69
N PRO C 179 -33.24 4.80 -36.48
CA PRO C 179 -33.81 5.67 -35.45
C PRO C 179 -33.54 5.21 -34.01
N ILE C 180 -33.54 3.89 -33.82
CA ILE C 180 -33.33 3.31 -32.50
C ILE C 180 -31.87 2.95 -32.14
N ASP C 181 -30.92 3.33 -32.99
CA ASP C 181 -29.52 3.04 -32.69
C ASP C 181 -28.85 4.30 -32.11
N GLU C 182 -29.68 5.09 -31.42
CA GLU C 182 -29.30 6.32 -30.73
C GLU C 182 -29.25 5.91 -29.24
N GLY C 183 -28.46 6.63 -28.43
CA GLY C 183 -28.38 6.29 -27.01
C GLY C 183 -27.00 6.55 -26.42
N ASN C 184 -26.73 5.95 -25.26
CA ASN C 184 -25.44 6.13 -24.58
C ASN C 184 -24.45 5.00 -24.79
N TYR C 185 -23.24 5.39 -25.20
CA TYR C 185 -22.18 4.42 -25.48
C TYR C 185 -20.91 4.69 -24.67
N LYS C 186 -20.21 3.61 -24.32
CA LYS C 186 -18.95 3.67 -23.61
C LYS C 186 -18.35 2.30 -23.80
N CYS C 187 -17.02 2.23 -23.78
CA CYS C 187 -16.30 0.97 -23.99
C CYS C 187 -15.59 0.53 -22.74
N ILE C 188 -15.23 -0.75 -22.69
CA ILE C 188 -14.57 -1.30 -21.52
C ILE C 188 -13.41 -2.22 -21.85
N ALA C 189 -12.23 -1.89 -21.33
CA ALA C 189 -11.06 -2.74 -21.55
C ALA C 189 -10.96 -3.65 -20.34
N GLN C 190 -10.58 -4.91 -20.57
CA GLN C 190 -10.48 -5.84 -19.47
C GLN C 190 -9.47 -6.97 -19.63
N ASN C 191 -8.76 -7.27 -18.54
CA ASN C 191 -7.78 -8.35 -18.50
C ASN C 191 -7.67 -8.85 -17.06
N LEU C 192 -6.72 -9.73 -16.82
CA LEU C 192 -6.54 -10.29 -15.48
C LEU C 192 -6.56 -9.26 -14.37
N VAL C 193 -5.85 -8.15 -14.53
CA VAL C 193 -5.78 -7.11 -13.49
C VAL C 193 -7.13 -6.58 -13.03
N GLY C 194 -7.90 -6.06 -13.98
CA GLY C 194 -9.22 -5.53 -13.68
C GLY C 194 -9.87 -5.02 -14.95
N THR C 195 -10.75 -4.04 -14.84
CA THR C 195 -11.40 -3.51 -16.01
C THR C 195 -11.34 -1.99 -16.02
N ARG C 196 -11.38 -1.40 -17.21
CA ARG C 196 -11.31 0.04 -17.37
C ARG C 196 -12.49 0.49 -18.20
N GLU C 197 -13.20 1.50 -17.69
CA GLU C 197 -14.41 2.03 -18.35
C GLU C 197 -14.26 3.47 -18.86
N SER C 198 -14.46 3.65 -20.16
CA SER C 198 -14.39 4.98 -20.73
C SER C 198 -15.61 5.68 -20.16
N SER C 199 -15.72 6.98 -20.38
CA SER C 199 -16.89 7.70 -19.89
C SER C 199 -17.99 7.39 -20.91
N TYR C 200 -19.23 7.70 -20.57
CA TYR C 200 -20.31 7.42 -21.51
C TYR C 200 -20.36 8.50 -22.57
N ALA C 201 -21.15 8.25 -23.61
CA ALA C 201 -21.31 9.21 -24.69
C ALA C 201 -22.69 9.00 -25.31
N LYS C 202 -23.54 10.03 -25.25
CA LYS C 202 -24.87 9.94 -25.83
C LYS C 202 -24.71 10.19 -27.32
N LEU C 203 -25.36 9.36 -28.13
CA LEU C 203 -25.32 9.48 -29.60
C LEU C 203 -26.70 9.93 -30.06
N ILE C 204 -26.79 11.18 -30.52
CA ILE C 204 -28.06 11.73 -30.96
C ILE C 204 -28.31 11.59 -32.47
N VAL C 205 -29.41 10.91 -32.79
CA VAL C 205 -29.86 10.66 -34.16
C VAL C 205 -31.17 11.47 -34.32
N GLN C 206 -31.05 12.70 -34.81
CA GLN C 206 -32.22 13.57 -34.99
C GLN C 206 -33.33 12.92 -35.80
N VAL C 207 -33.21 12.84 -37.04
N GLN D 6 -33.02 37.58 7.38
CA GLN D 6 -33.33 36.14 7.61
C GLN D 6 -32.28 35.24 6.97
N TYR D 7 -31.80 35.64 5.79
CA TYR D 7 -30.78 34.91 5.03
C TYR D 7 -29.37 35.26 5.50
N GLN D 8 -28.55 34.24 5.72
CA GLN D 8 -27.18 34.44 6.18
C GLN D 8 -26.17 34.26 5.06
N SER D 9 -25.36 35.30 4.84
CA SER D 9 -24.32 35.26 3.83
C SER D 9 -23.31 34.23 4.32
N PRO D 10 -22.58 33.60 3.39
CA PRO D 10 -21.57 32.57 3.69
C PRO D 10 -20.46 33.03 4.61
N ARG D 11 -20.35 32.37 5.77
CA ARG D 11 -19.30 32.68 6.73
C ARG D 11 -18.39 31.45 6.88
N ILE D 12 -17.08 31.68 6.78
CA ILE D 12 -16.12 30.59 6.92
C ILE D 12 -15.68 30.46 8.36
N ILE D 13 -16.09 29.37 8.99
CA ILE D 13 -15.75 29.12 10.37
C ILE D 13 -14.30 28.65 10.56
N GLU D 14 -13.85 27.72 9.74
CA GLU D 14 -12.49 27.24 9.85
C GLU D 14 -11.87 27.20 8.47
N HIS D 15 -10.79 27.94 8.31
CA HIS D 15 -10.08 27.98 7.03
C HIS D 15 -9.14 26.80 6.95
N PRO D 16 -8.62 26.54 5.76
CA PRO D 16 -7.69 25.42 5.62
C PRO D 16 -6.36 25.89 6.17
N THR D 17 -5.66 25.02 6.88
CA THR D 17 -4.38 25.36 7.47
C THR D 17 -3.26 24.68 6.69
N ASP D 18 -2.09 25.33 6.57
CA ASP D 18 -0.96 24.72 5.83
C ASP D 18 -0.69 23.28 6.27
N LEU D 19 -0.23 22.45 5.34
CA LEU D 19 0.04 21.06 5.68
C LEU D 19 1.22 20.45 4.96
N VAL D 20 1.90 19.53 5.65
CA VAL D 20 3.06 18.84 5.10
C VAL D 20 2.94 17.33 5.26
N VAL D 21 3.00 16.62 4.14
CA VAL D 21 2.90 15.16 4.18
C VAL D 21 3.84 14.55 3.16
N LYS D 22 4.12 13.26 3.38
CA LYS D 22 5.02 12.51 2.50
C LYS D 22 4.23 11.96 1.33
N LYS D 23 4.79 12.08 0.11
CA LYS D 23 4.10 11.55 -1.08
C LYS D 23 3.48 10.20 -0.70
N ASN D 24 2.28 9.98 -1.22
CA ASN D 24 1.52 8.76 -0.99
C ASN D 24 0.87 8.63 0.38
N GLU D 25 0.94 9.68 1.20
CA GLU D 25 0.23 9.66 2.49
C GLU D 25 -1.12 10.38 2.27
N PRO D 26 -2.06 10.20 3.21
CA PRO D 26 -3.33 10.89 3.01
C PRO D 26 -3.14 12.34 3.43
N ALA D 27 -4.06 13.21 3.02
CA ALA D 27 -3.99 14.62 3.36
C ALA D 27 -5.38 15.22 3.38
N THR D 28 -5.61 16.13 4.32
CA THR D 28 -6.91 16.78 4.43
C THR D 28 -6.78 18.29 4.59
N LEU D 29 -7.67 19.03 3.94
CA LEU D 29 -7.69 20.49 4.03
C LEU D 29 -9.10 20.88 4.40
N ASN D 30 -9.28 21.47 5.57
CA ASN D 30 -10.61 21.84 6.02
C ASN D 30 -11.18 23.13 5.46
N CYS D 31 -12.51 23.21 5.49
CA CYS D 31 -13.24 24.37 5.01
C CYS D 31 -14.64 24.35 5.57
N LYS D 32 -14.78 24.78 6.82
CA LYS D 32 -16.09 24.81 7.45
C LYS D 32 -16.79 26.13 7.14
N VAL D 33 -18.07 26.06 6.80
CA VAL D 33 -18.81 27.26 6.49
C VAL D 33 -20.21 27.09 7.00
N GLU D 34 -21.03 28.09 6.72
CA GLU D 34 -22.44 28.06 7.10
C GLU D 34 -23.11 29.28 6.53
N GLY D 35 -24.44 29.22 6.55
CA GLY D 35 -25.23 30.31 6.03
C GLY D 35 -26.56 29.78 5.54
N LYS D 36 -27.39 30.68 5.05
CA LYS D 36 -28.70 30.30 4.54
C LYS D 36 -28.76 30.56 3.03
N PRO D 37 -28.93 29.50 2.23
CA PRO D 37 -29.05 28.15 2.79
C PRO D 37 -27.67 27.46 2.73
N GLU D 38 -27.61 26.17 3.03
CA GLU D 38 -26.35 25.45 2.99
C GLU D 38 -25.55 25.86 1.76
N PRO D 39 -24.57 26.74 1.95
CA PRO D 39 -23.75 27.20 0.83
C PRO D 39 -23.04 26.05 0.16
N THR D 40 -22.60 26.27 -1.08
CA THR D 40 -21.87 25.25 -1.81
C THR D 40 -20.42 25.64 -1.85
N ILE D 41 -19.56 24.64 -1.62
CA ILE D 41 -18.13 24.86 -1.57
C ILE D 41 -17.41 24.39 -2.82
N GLU D 42 -16.38 25.12 -3.20
CA GLU D 42 -15.59 24.75 -4.36
C GLU D 42 -14.15 24.96 -4.00
N TRP D 43 -13.26 24.09 -4.47
CA TRP D 43 -11.85 24.23 -4.17
C TRP D 43 -10.99 24.70 -5.33
N PHE D 44 -9.97 25.50 -5.01
CA PHE D 44 -9.05 26.00 -6.03
C PHE D 44 -7.62 25.73 -5.60
N LYS D 45 -6.78 25.48 -6.60
CA LYS D 45 -5.36 25.22 -6.40
C LYS D 45 -4.59 26.15 -7.32
N ASP D 46 -3.81 27.06 -6.74
CA ASP D 46 -3.02 27.99 -7.53
C ASP D 46 -3.87 28.58 -8.62
N GLY D 47 -4.96 29.25 -8.22
CA GLY D 47 -5.85 29.89 -9.18
C GLY D 47 -6.77 28.98 -9.97
N GLU D 48 -6.45 27.69 -9.97
CA GLU D 48 -7.23 26.69 -10.70
C GLU D 48 -8.28 26.01 -9.86
N PRO D 49 -9.46 25.71 -10.44
CA PRO D 49 -10.49 25.04 -9.64
C PRO D 49 -10.15 23.54 -9.59
N VAL D 50 -10.39 22.92 -8.44
CA VAL D 50 -10.08 21.50 -8.27
C VAL D 50 -11.29 20.63 -8.53
N SER D 51 -11.13 19.61 -9.38
CA SER D 51 -12.23 18.71 -9.68
C SER D 51 -12.15 17.62 -8.62
N THR D 52 -13.29 17.27 -8.01
CA THR D 52 -13.34 16.26 -6.97
C THR D 52 -14.50 15.31 -7.20
N ASN D 53 -14.33 14.06 -6.79
CA ASN D 53 -15.39 13.05 -6.93
C ASN D 53 -15.70 12.69 -8.38
N GLU D 54 -14.67 12.33 -9.14
CA GLU D 54 -14.80 11.97 -10.55
C GLU D 54 -13.90 10.76 -10.74
N LYS D 55 -14.28 9.85 -11.62
CA LYS D 55 -13.50 8.63 -11.85
C LYS D 55 -12.03 8.99 -12.07
N LYS D 56 -11.84 10.12 -12.75
CA LYS D 56 -10.54 10.68 -13.11
C LYS D 56 -9.66 11.08 -11.94
N SER D 57 -10.17 12.03 -11.15
CA SER D 57 -9.47 12.58 -9.99
C SER D 57 -9.35 11.64 -8.83
N HIS D 58 -8.36 11.93 -7.99
CA HIS D 58 -8.05 11.17 -6.81
C HIS D 58 -8.34 12.05 -5.61
N ARG D 59 -9.14 13.09 -5.82
CA ARG D 59 -9.50 14.00 -4.75
C ARG D 59 -10.97 13.84 -4.41
N VAL D 60 -11.30 13.95 -3.12
CA VAL D 60 -12.66 13.78 -2.65
C VAL D 60 -13.09 14.98 -1.86
N GLN D 61 -14.35 15.34 -1.93
CA GLN D 61 -14.83 16.47 -1.18
C GLN D 61 -15.90 16.04 -0.19
N PHE D 62 -15.55 16.11 1.10
CA PHE D 62 -16.47 15.71 2.15
C PHE D 62 -17.65 16.64 2.28
N LYS D 63 -18.72 16.12 2.88
CA LYS D 63 -19.96 16.88 3.07
C LYS D 63 -19.73 18.04 4.02
N ASP D 64 -18.59 18.09 4.69
CA ASP D 64 -18.29 19.19 5.60
C ASP D 64 -17.43 20.22 4.89
N GLY D 65 -17.19 20.00 3.60
CA GLY D 65 -16.41 20.97 2.83
C GLY D 65 -14.94 20.66 2.70
N ALA D 66 -14.45 19.71 3.49
CA ALA D 66 -13.06 19.37 3.45
C ALA D 66 -12.63 18.71 2.14
N LEU D 67 -11.42 19.01 1.70
CA LEU D 67 -10.86 18.44 0.48
C LEU D 67 -10.01 17.29 0.98
N PHE D 68 -10.19 16.11 0.41
CA PHE D 68 -9.45 14.93 0.88
C PHE D 68 -8.67 14.12 -0.14
N PHE D 69 -7.40 13.85 0.17
CA PHE D 69 -6.57 13.06 -0.71
C PHE D 69 -6.31 11.76 -0.01
N TYR D 70 -6.80 10.64 -0.54
CA TYR D 70 -6.54 9.36 0.14
C TYR D 70 -5.12 8.93 -0.16
N ARG D 71 -4.69 9.19 -1.38
CA ARG D 71 -3.33 8.88 -1.82
C ARG D 71 -2.72 10.14 -2.42
N THR D 72 -1.94 10.88 -1.62
CA THR D 72 -1.33 12.10 -2.12
C THR D 72 -0.33 11.75 -3.21
N MET D 73 -0.28 12.58 -4.26
CA MET D 73 0.63 12.35 -5.38
C MET D 73 1.56 13.50 -5.64
N GLN D 74 2.75 13.20 -6.16
CA GLN D 74 3.74 14.22 -6.47
C GLN D 74 4.76 13.70 -7.48
N GLY D 75 4.27 13.31 -8.65
CA GLY D 75 5.15 12.79 -9.68
C GLY D 75 5.05 13.55 -10.98
N LYS D 76 5.18 12.81 -12.08
CA LYS D 76 5.14 13.41 -13.41
C LYS D 76 3.78 13.96 -13.81
N LYS D 77 2.75 13.13 -13.75
CA LYS D 77 1.42 13.55 -14.15
C LYS D 77 0.67 14.39 -13.09
N GLU D 78 0.35 13.81 -11.95
CA GLU D 78 -0.39 14.51 -10.91
C GLU D 78 0.47 15.04 -9.77
N GLN D 79 0.57 16.37 -9.69
CA GLN D 79 1.37 17.07 -8.68
C GLN D 79 0.45 17.82 -7.70
N ASP D 80 0.19 17.19 -6.55
CA ASP D 80 -0.69 17.73 -5.50
C ASP D 80 -0.19 18.94 -4.71
N GLY D 81 1.12 19.10 -4.61
CA GLY D 81 1.68 20.22 -3.87
C GLY D 81 1.26 21.54 -4.49
N GLY D 82 0.81 22.48 -3.66
CA GLY D 82 0.39 23.77 -4.17
C GLY D 82 -0.32 24.64 -3.15
N GLU D 83 -0.92 25.72 -3.64
CA GLU D 83 -1.65 26.68 -2.80
C GLU D 83 -3.13 26.36 -2.95
N TYR D 84 -3.83 26.18 -1.83
CA TYR D 84 -5.26 25.83 -1.86
C TYR D 84 -6.18 26.74 -1.05
N TRP D 85 -7.44 26.82 -1.47
CA TRP D 85 -8.45 27.61 -0.78
C TRP D 85 -9.86 27.26 -1.29
N CYS D 86 -10.88 27.51 -0.48
CA CYS D 86 -12.24 27.20 -0.89
C CYS D 86 -13.07 28.45 -0.98
N VAL D 87 -14.26 28.30 -1.57
CA VAL D 87 -15.16 29.43 -1.77
C VAL D 87 -16.59 28.99 -1.60
N ALA D 88 -17.28 29.56 -0.60
CA ALA D 88 -18.67 29.20 -0.37
C ALA D 88 -19.55 30.16 -1.16
N LYS D 89 -20.56 29.62 -1.83
CA LYS D 89 -21.48 30.44 -2.60
C LYS D 89 -22.90 29.97 -2.30
N ASN D 90 -23.87 30.87 -2.33
CA ASN D 90 -25.26 30.51 -2.08
C ASN D 90 -26.23 31.52 -2.71
N ARG D 91 -27.48 31.50 -2.23
CA ARG D 91 -28.50 32.41 -2.75
C ARG D 91 -28.16 33.91 -2.59
N VAL D 92 -27.54 34.26 -1.46
CA VAL D 92 -27.18 35.65 -1.15
C VAL D 92 -25.85 36.14 -1.76
N GLY D 93 -24.76 35.82 -1.08
CA GLY D 93 -23.41 36.20 -1.47
C GLY D 93 -22.41 35.06 -1.40
N GLN D 94 -21.13 35.40 -1.24
CA GLN D 94 -20.08 34.40 -1.18
C GLN D 94 -18.98 34.75 -0.18
N ALA D 95 -18.07 33.81 0.05
CA ALA D 95 -16.97 33.98 0.99
C ALA D 95 -15.75 33.19 0.51
N VAL D 96 -14.57 33.75 0.68
CA VAL D 96 -13.35 33.07 0.27
C VAL D 96 -12.48 32.80 1.48
N SER D 97 -11.86 31.63 1.51
CA SER D 97 -11.02 31.25 2.64
C SER D 97 -9.59 31.75 2.48
N ARG D 98 -8.91 31.96 3.59
CA ARG D 98 -7.53 32.37 3.52
C ARG D 98 -6.86 31.24 2.72
N HIS D 99 -5.68 31.46 2.16
CA HIS D 99 -4.99 30.43 1.41
C HIS D 99 -4.21 29.50 2.33
N ALA D 100 -4.03 28.24 1.90
CA ALA D 100 -3.27 27.27 2.67
C ALA D 100 -2.34 26.61 1.68
N SER D 101 -1.21 26.15 2.18
CA SER D 101 -0.25 25.52 1.29
C SER D 101 -0.01 24.07 1.65
N LEU D 102 -0.17 23.22 0.65
CA LEU D 102 0.03 21.80 0.81
C LEU D 102 1.34 21.42 0.15
N GLN D 103 2.16 20.73 0.91
CA GLN D 103 3.44 20.31 0.40
C GLN D 103 3.57 18.82 0.54
N ILE D 104 3.79 18.16 -0.59
CA ILE D 104 4.00 16.72 -0.54
C ILE D 104 5.51 16.54 -0.52
N ALA D 105 6.00 16.02 0.59
CA ALA D 105 7.44 15.78 0.75
C ALA D 105 7.83 14.59 -0.12
N VAL D 106 9.07 14.60 -0.60
CA VAL D 106 9.55 13.51 -1.44
C VAL D 106 11.07 13.37 -1.27
N LEU D 107 11.55 12.15 -1.52
CA LEU D 107 12.98 11.89 -1.42
C LEU D 107 13.38 10.73 -2.31
N ARG D 108 13.80 11.05 -3.53
CA ARG D 108 14.23 10.05 -4.50
C ARG D 108 15.09 8.96 -3.82
N ASP D 109 15.17 7.78 -4.43
CA ASP D 109 15.96 6.70 -3.85
C ASP D 109 17.31 6.51 -4.53
N ASP D 110 17.44 7.07 -5.73
CA ASP D 110 18.66 6.95 -6.53
C ASP D 110 19.62 8.14 -6.46
N PHE D 111 20.75 7.94 -5.78
CA PHE D 111 21.79 8.97 -5.64
C PHE D 111 22.25 9.34 -7.05
N ARG D 112 22.52 10.63 -7.29
CA ARG D 112 22.99 11.06 -8.61
C ARG D 112 24.34 10.38 -8.89
N VAL D 113 25.33 10.75 -8.08
CA VAL D 113 26.69 10.20 -8.17
C VAL D 113 27.03 9.64 -6.80
N GLU D 114 27.76 8.51 -6.79
CA GLU D 114 28.12 7.88 -5.54
C GLU D 114 29.63 7.73 -5.48
N PRO D 115 30.22 7.96 -4.29
CA PRO D 115 31.67 7.84 -4.13
C PRO D 115 32.14 6.40 -4.35
N LYS D 116 33.25 6.25 -5.09
CA LYS D 116 33.84 4.95 -5.37
C LYS D 116 35.26 4.97 -4.78
N ASP D 117 35.71 3.81 -4.29
CA ASP D 117 37.03 3.65 -3.69
C ASP D 117 38.11 4.46 -4.41
N THR D 118 38.92 5.18 -3.65
CA THR D 118 39.96 5.98 -4.28
C THR D 118 41.31 5.92 -3.57
N ARG D 119 42.34 5.68 -4.40
CA ARG D 119 43.74 5.57 -4.00
C ARG D 119 44.54 6.80 -4.47
N VAL D 120 44.39 7.91 -3.76
CA VAL D 120 45.08 9.15 -4.10
C VAL D 120 46.43 9.14 -3.36
N ALA D 121 47.36 10.00 -3.78
CA ALA D 121 48.70 10.09 -3.19
C ALA D 121 48.88 11.06 -2.00
N LYS D 122 49.54 10.57 -0.96
CA LYS D 122 49.81 11.34 0.26
C LYS D 122 50.12 12.83 0.02
N GLY D 123 49.60 13.68 0.91
CA GLY D 123 49.82 15.11 0.80
C GLY D 123 49.23 15.79 -0.42
N GLU D 124 48.63 15.01 -1.32
CA GLU D 124 48.03 15.55 -2.54
C GLU D 124 46.53 15.87 -2.35
N THR D 125 45.84 16.14 -3.47
CA THR D 125 44.42 16.44 -3.46
C THR D 125 43.57 15.21 -3.82
N ALA D 126 42.48 15.02 -3.08
CA ALA D 126 41.55 13.90 -3.27
C ALA D 126 40.09 14.38 -3.33
N LEU D 127 39.34 13.88 -4.30
CA LEU D 127 37.95 14.27 -4.46
C LEU D 127 36.99 13.09 -4.44
N LEU D 128 36.11 13.08 -3.44
CA LEU D 128 35.11 12.03 -3.28
C LEU D 128 33.80 12.55 -3.89
N GLU D 129 33.27 11.80 -4.86
CA GLU D 129 32.04 12.19 -5.55
C GLU D 129 30.73 11.75 -4.90
N CYS D 130 29.89 12.74 -4.58
CA CYS D 130 28.58 12.49 -3.99
C CYS D 130 27.51 13.41 -4.58
N GLY D 131 26.57 12.82 -5.31
CA GLY D 131 25.49 13.58 -5.91
C GLY D 131 24.21 13.16 -5.21
N PRO D 132 23.74 13.93 -4.21
CA PRO D 132 22.51 13.56 -3.49
C PRO D 132 21.33 13.44 -4.43
N PRO D 133 20.42 12.48 -4.12
CA PRO D 133 19.27 12.35 -5.02
C PRO D 133 18.37 13.58 -4.81
N LYS D 134 17.66 13.97 -5.88
CA LYS D 134 16.76 15.12 -5.81
C LYS D 134 15.65 14.86 -4.78
N GLY D 135 15.21 15.92 -4.09
CA GLY D 135 14.17 15.78 -3.08
C GLY D 135 13.59 17.11 -2.62
N ILE D 136 12.43 17.06 -1.97
CA ILE D 136 11.80 18.28 -1.49
C ILE D 136 10.98 17.98 -0.24
N PRO D 137 11.21 18.74 0.86
CA PRO D 137 12.18 19.83 1.01
C PRO D 137 13.57 19.47 0.54
N GLU D 138 14.34 20.47 0.13
CA GLU D 138 15.72 20.23 -0.30
C GLU D 138 16.42 19.38 0.76
N PRO D 139 16.95 18.22 0.38
CA PRO D 139 17.63 17.36 1.34
C PRO D 139 18.96 17.97 1.74
N THR D 140 19.59 17.43 2.77
CA THR D 140 20.88 17.94 3.21
C THR D 140 21.92 16.84 3.21
N LEU D 141 23.15 17.19 2.81
CA LEU D 141 24.22 16.21 2.77
C LEU D 141 25.22 16.34 3.91
N ILE D 142 25.74 15.20 4.34
CA ILE D 142 26.70 15.15 5.42
C ILE D 142 27.62 13.98 5.09
N TRP D 143 28.90 14.07 5.42
CA TRP D 143 29.79 12.95 5.14
C TRP D 143 30.11 12.17 6.40
N ILE D 144 30.32 10.87 6.21
CA ILE D 144 30.67 10.02 7.33
C ILE D 144 31.92 9.25 7.04
N LYS D 145 32.76 9.14 8.07
CA LYS D 145 34.02 8.42 7.99
C LYS D 145 33.97 7.36 9.06
N ASP D 146 34.29 6.14 8.67
CA ASP D 146 34.34 5.01 9.58
C ASP D 146 33.43 5.08 10.81
N GLY D 147 32.13 5.13 10.55
CA GLY D 147 31.14 5.15 11.63
C GLY D 147 30.63 6.50 12.10
N VAL D 148 31.53 7.38 12.51
CA VAL D 148 31.11 8.69 12.99
C VAL D 148 31.05 9.73 11.84
N PRO D 149 30.25 10.79 12.03
CA PRO D 149 30.04 11.91 11.08
C PRO D 149 31.23 12.87 11.01
N LEU D 150 31.49 13.34 9.79
CA LEU D 150 32.59 14.25 9.52
C LEU D 150 32.62 15.42 10.51
N ASP D 151 31.53 16.20 10.54
CA ASP D 151 31.40 17.35 11.44
C ASP D 151 31.07 16.88 12.85
N VAL D 164 38.54 17.93 3.54
CA VAL D 164 38.84 19.27 4.03
C VAL D 164 37.62 20.21 3.86
N ARG D 165 37.07 20.26 2.64
CA ARG D 165 35.92 21.11 2.34
C ARG D 165 34.98 20.52 1.29
N ILE D 166 33.70 20.37 1.64
CA ILE D 166 32.73 19.83 0.71
C ILE D 166 32.42 20.91 -0.31
N VAL D 167 31.89 20.51 -1.45
CA VAL D 167 31.58 21.49 -2.48
C VAL D 167 30.65 20.89 -3.54
N ASP D 168 30.27 21.72 -4.51
CA ASP D 168 29.38 21.30 -5.60
C ASP D 168 28.14 20.61 -5.05
N GLY D 169 27.75 21.00 -3.84
CA GLY D 169 26.59 20.40 -3.22
C GLY D 169 26.67 18.89 -3.16
N GLY D 170 27.76 18.38 -2.58
CA GLY D 170 27.93 16.94 -2.45
C GLY D 170 29.37 16.47 -2.36
N ASN D 171 30.14 16.72 -3.40
CA ASN D 171 31.53 16.28 -3.44
C ASN D 171 32.38 16.72 -2.25
N LEU D 172 33.16 15.78 -1.73
CA LEU D 172 34.06 16.05 -0.62
C LEU D 172 35.45 16.30 -1.20
N LEU D 173 36.02 17.44 -0.85
CA LEU D 173 37.35 17.81 -1.33
C LEU D 173 38.39 17.62 -0.21
N ILE D 174 39.49 16.96 -0.54
CA ILE D 174 40.55 16.75 0.45
C ILE D 174 41.96 17.10 -0.09
N SER D 175 42.35 18.36 0.12
CA SER D 175 43.65 18.84 -0.31
C SER D 175 44.68 18.55 0.80
N ASN D 176 45.88 18.12 0.40
CA ASN D 176 46.94 17.78 1.37
C ASN D 176 46.49 16.63 2.27
N VAL D 177 46.63 15.41 1.77
CA VAL D 177 46.20 14.21 2.50
C VAL D 177 47.06 13.78 3.72
N GLU D 178 46.56 14.07 4.92
CA GLU D 178 47.22 13.71 6.18
C GLU D 178 47.12 12.19 6.42
N PRO D 179 47.69 11.69 7.54
CA PRO D 179 47.61 10.24 7.82
C PRO D 179 46.22 9.88 8.35
N ILE D 180 45.47 10.91 8.70
CA ILE D 180 44.11 10.75 9.22
C ILE D 180 43.14 10.60 8.05
N ASP D 181 43.34 11.44 7.04
CA ASP D 181 42.48 11.43 5.85
C ASP D 181 42.20 10.06 5.22
N GLU D 182 42.82 8.99 5.71
CA GLU D 182 42.55 7.67 5.12
C GLU D 182 41.43 6.98 5.88
N GLY D 183 40.64 6.19 5.16
CA GLY D 183 39.54 5.48 5.79
C GLY D 183 38.33 5.29 4.90
N ASN D 184 37.19 4.96 5.52
CA ASN D 184 35.96 4.75 4.78
C ASN D 184 35.05 5.98 4.79
N TYR D 185 34.62 6.38 3.60
CA TYR D 185 33.75 7.53 3.43
C TYR D 185 32.41 7.20 2.81
N LYS D 186 31.39 7.92 3.29
CA LYS D 186 30.03 7.75 2.83
C LYS D 186 29.27 9.06 3.04
N CYS D 187 28.32 9.34 2.14
CA CYS D 187 27.53 10.54 2.28
C CYS D 187 26.07 10.17 2.48
N ILE D 188 25.34 11.07 3.14
CA ILE D 188 23.93 10.84 3.46
C ILE D 188 23.04 12.04 3.16
N ALA D 189 22.03 11.83 2.32
CA ALA D 189 21.07 12.89 2.00
C ALA D 189 19.89 12.73 2.94
N GLN D 190 19.33 13.84 3.41
CA GLN D 190 18.23 13.74 4.35
C GLN D 190 17.24 14.92 4.33
N ASN D 191 15.96 14.58 4.46
CA ASN D 191 14.88 15.58 4.55
C ASN D 191 13.73 14.94 5.34
N LEU D 192 12.57 15.61 5.33
CA LEU D 192 11.40 15.12 6.06
C LEU D 192 11.04 13.67 5.78
N VAL D 193 11.16 13.25 4.51
CA VAL D 193 10.80 11.89 4.14
C VAL D 193 11.59 10.81 4.90
N GLY D 194 12.91 10.87 4.78
CA GLY D 194 13.76 9.90 5.45
C GLY D 194 15.18 10.22 5.08
N THR D 195 16.04 9.21 5.06
CA THR D 195 17.46 9.41 4.73
C THR D 195 17.98 8.48 3.63
N ARG D 196 18.95 8.97 2.86
CA ARG D 196 19.56 8.17 1.80
C ARG D 196 21.07 8.08 2.03
N GLU D 197 21.57 6.84 2.07
CA GLU D 197 22.99 6.58 2.31
C GLU D 197 23.71 6.00 1.10
N SER D 198 24.73 6.71 0.62
CA SER D 198 25.52 6.22 -0.51
C SER D 198 26.28 4.99 0.02
N SER D 199 26.95 4.26 -0.86
CA SER D 199 27.72 3.12 -0.39
C SER D 199 29.00 3.71 0.17
N TYR D 200 29.72 2.92 0.97
CA TYR D 200 30.99 3.38 1.56
C TYR D 200 32.09 3.35 0.48
N ALA D 201 33.20 4.03 0.77
CA ALA D 201 34.34 4.07 -0.13
C ALA D 201 35.59 4.29 0.73
N LYS D 202 36.63 3.50 0.49
CA LYS D 202 37.85 3.64 1.28
C LYS D 202 38.91 4.44 0.53
N LEU D 203 39.83 5.03 1.29
CA LEU D 203 40.91 5.83 0.74
C LEU D 203 42.27 5.17 1.00
N ILE D 204 43.18 5.31 0.04
CA ILE D 204 44.51 4.74 0.10
C ILE D 204 45.63 5.80 0.25
N VAL D 205 45.85 6.26 1.39
C1 SGN E . -8.70 -4.92 20.14
C2 SGN E . -8.35 -6.26 19.42
C3 SGN E . -7.00 -6.11 18.68
C4 SGN E . -7.14 -4.98 17.62
C5 SGN E . -7.51 -3.66 18.39
C6 SGN E . -7.75 -2.43 17.48
N2 SGN E . -8.33 -7.33 20.45
O1 SGN E . -7.80 -4.65 21.20
O3 SGN E . -6.68 -7.32 18.00
O4 SGN E . -5.82 -5.03 17.05
O5 SGN E . -8.71 -3.84 19.20
O6 SGN E . -8.84 -2.68 16.59
S1 SGN E . -9.20 -8.71 20.23
O1S SGN E . -9.24 -9.38 21.49
O2S SGN E . -10.49 -8.32 19.76
O3S SGN E . -8.48 -9.47 19.25
S2 SGN E . -9.24 -1.90 15.29
O4S SGN E . -8.90 -0.51 15.47
O5S SGN E . -8.48 -2.53 14.25
O6S SGN E . -10.65 -2.12 15.11
C1 IDS E . -5.66 -4.75 15.68
C2 IDS E . -4.29 -4.01 15.45
C3 IDS E . -3.07 -4.92 15.20
C4 IDS E . -3.39 -6.20 14.37
C5 IDS E . -4.67 -6.87 14.93
C6 IDS E . -5.09 -8.16 14.22
O2 IDS E . -4.43 -3.13 14.32
O3 IDS E . -2.56 -5.33 16.47
O4 IDS E . -3.31 -5.60 13.06
O5 IDS E . -5.76 -5.93 14.87
O6A IDS E . -4.27 -8.89 13.68
O6B IDS E . -6.25 -8.50 14.16
S IDS E . -3.49 -1.96 13.82
O1S IDS E . -2.65 -2.52 12.81
O2S IDS E . -4.38 -0.96 13.31
O3S IDS E . -2.74 -1.49 14.97
C1 SGN E . -2.74 -6.38 12.00
C2 SGN E . -2.00 -5.46 10.98
C3 SGN E . -3.03 -4.55 10.29
C4 SGN E . -4.06 -5.44 9.54
C5 SGN E . -4.76 -6.35 10.60
C6 SGN E . -5.79 -7.34 10.02
N2 SGN E . -0.98 -4.68 11.72
O3 SGN E . -2.38 -3.72 9.35
O4 SGN E . -5.23 -4.69 9.17
O5 SGN E . -3.77 -7.13 11.34
O6 SGN E . -5.26 -7.93 8.86
S1 SGN E . 0.63 -4.83 11.39
O1S SGN E . 0.85 -6.00 10.59
O2S SGN E . 1.01 -3.62 10.74
O3S SGN E . 1.24 -4.95 12.69
S2 SGN E . -5.18 -9.45 8.55
O4S SGN E . -6.52 -9.91 8.36
O5S SGN E . -4.39 -9.51 7.35
O6S SGN E . -4.53 -10.06 9.66
C1 IDS E . -5.35 -4.28 7.84
C2 IDS E . -6.86 -4.05 7.53
C3 IDS E . -7.01 -3.04 6.37
C4 IDS E . -6.38 -1.67 6.74
C5 IDS E . -5.28 -1.84 7.83
C6 IDS E . -4.27 -0.67 7.92
O2 IDS E . -7.46 -5.29 7.13
O3 IDS E . -8.38 -2.84 6.08
O5 IDS E . -4.60 -3.08 7.60
O6A IDS E . -3.90 -0.26 8.99
O6B IDS E . -3.82 -0.15 6.91
S IDS E . -8.97 -5.72 7.19
O1S IDS E . -8.91 -7.11 7.57
O2S IDS E . -9.63 -4.92 8.16
O3S IDS E . -9.48 -5.53 5.85
S SO4 F . -18.77 -11.27 1.49
O1 SO4 F . -19.77 -11.94 0.61
O2 SO4 F . -19.44 -10.18 2.24
O3 SO4 F . -18.23 -12.24 2.46
O4 SO4 F . -17.66 -10.74 0.68
S SO4 G . 3.13 -42.36 -2.24
O1 SO4 G . 3.18 -41.21 -3.17
O2 SO4 G . 4.47 -42.96 -2.19
O3 SO4 G . 2.76 -41.89 -0.89
O4 SO4 G . 2.14 -43.34 -2.73
S SO4 H . -4.65 -13.16 -10.11
O1 SO4 H . -3.94 -11.87 -9.97
O2 SO4 H . -4.78 -13.52 -11.54
O3 SO4 H . -3.89 -14.20 -9.40
O4 SO4 H . -6.02 -13.03 -9.54
S SO4 I . -0.33 0.53 21.21
O1 SO4 I . 0.72 0.91 20.26
O2 SO4 I . -1.09 1.73 21.64
O3 SO4 I . -1.25 -0.44 20.57
O4 SO4 I . 0.29 -0.09 22.40
S SO4 J . -13.58 30.72 26.25
O1 SO4 J . -14.08 31.87 27.10
O2 SO4 J . -12.03 30.84 26.31
O3 SO4 J . -14.10 29.39 26.80
O4 SO4 J . -14.17 30.85 24.83
S SO4 K . -9.46 -10.48 -9.55
O1 SO4 K . -9.10 -9.29 -8.75
O2 SO4 K . -8.26 -11.07 -10.19
O3 SO4 K . -10.10 -11.49 -8.68
O4 SO4 K . -10.43 -10.05 -10.59
S SO4 L . 6.04 4.41 -9.93
O1 SO4 L . 7.28 5.21 -10.13
O2 SO4 L . 6.13 3.12 -10.66
O3 SO4 L . 5.86 4.14 -8.48
O4 SO4 L . 4.88 5.19 -10.43
S SO4 M . 6.76 5.20 -13.89
O1 SO4 M . 6.69 6.22 -12.81
O2 SO4 M . 8.15 5.10 -14.39
O3 SO4 M . 6.33 3.87 -13.39
O4 SO4 M . 5.85 5.62 -14.99
S SO4 N . 13.83 12.17 8.78
O1 SO4 N . 13.52 13.55 9.20
O2 SO4 N . 14.89 12.16 7.76
O3 SO4 N . 14.27 11.39 9.95
O4 SO4 N . 12.62 11.55 8.21
S SO4 O . 9.54 10.42 10.77
O1 SO4 O . 10.82 11.04 11.20
O2 SO4 O . 9.79 9.31 9.80
O3 SO4 O . 8.87 9.88 11.96
O4 SO4 O . 8.70 11.46 10.13
S SO4 P . 5.60 13.80 8.80
O1 SO4 P . 6.86 14.51 8.50
O2 SO4 P . 5.28 12.81 7.74
O3 SO4 P . 5.74 13.08 10.10
O4 SO4 P . 4.50 14.78 8.89
#